data_1ONO
#
_entry.id   1ONO
#
_cell.length_a   91.388
_cell.length_b   52.249
_cell.length_c   108.327
_cell.angle_alpha   90.00
_cell.angle_beta   92.52
_cell.angle_gamma   90.00
#
_symmetry.space_group_name_H-M   'P 1 21 1'
#
loop_
_entity.id
_entity.type
_entity.pdbx_description
1 polymer '1-deoxy-D-xylulose 5-phosphate reductoisomerase'
2 non-polymer 'MANGANESE (II) ION'
3 water water
#
_entity_poly.entity_id   1
_entity_poly.type   'polypeptide(L)'
_entity_poly.pdbx_seq_one_letter_code
;MKQLTILGSTGSIGCSTLDVVRHNPEHFRVVALVAGKNVTRMVEQCLEFSPRYAVMDDEASAKLLKTMLQQQGSRTEVLS
GQQAACDMAALEDVDQVMAAIVGAAGLLPTLAAIRAGKTILLANKESLVTCGRLFMDAVKQSKAQLLPVDSEHNAIFQSL
PQPIQHNLGYADLEQNGVVSILLTGSGGPFRETPLRDLATMTPDQACRHPNWSMGRKISVDSATMMNKGLEYIEARWLFN
ASASQMEVLIHPQSVIHSMVRYQDGSVLAQLGEPDMRTPIAHTMAWPNRVNSGVKPLDFCKLSALTFAAPDYDRYPCLKL
AMEAFEQGQAATTALNAANEITVAAFLAQQIRFTDIAALNLSVLEKMDMREPQCVDDVLSVDANAREVARKEVMRLAS
;
_entity_poly.pdbx_strand_id   A,B
#
# COMPACT_ATOMS: atom_id res chain seq x y z
N MET A 1 -23.38 4.67 13.61
CA MET A 1 -24.17 3.42 13.40
C MET A 1 -24.65 3.27 11.95
N LYS A 2 -23.92 2.48 11.18
CA LYS A 2 -24.24 2.22 9.77
C LYS A 2 -25.35 1.18 9.65
N GLN A 3 -26.38 1.50 8.87
CA GLN A 3 -27.49 0.58 8.69
C GLN A 3 -27.46 0.04 7.28
N LEU A 4 -27.47 -1.28 7.13
CA LEU A 4 -27.42 -1.82 5.77
C LEU A 4 -28.47 -2.81 5.27
N THR A 5 -28.49 -2.92 3.95
CA THR A 5 -29.34 -3.84 3.22
C THR A 5 -28.32 -4.75 2.51
N ILE A 6 -28.56 -6.06 2.58
CA ILE A 6 -27.67 -7.01 1.94
C ILE A 6 -28.45 -7.73 0.84
N LEU A 7 -28.00 -7.55 -0.40
CA LEU A 7 -28.62 -8.17 -1.57
C LEU A 7 -27.89 -9.49 -1.85
N GLY A 8 -28.56 -10.61 -1.60
CA GLY A 8 -27.96 -11.92 -1.81
C GLY A 8 -27.29 -12.36 -0.51
N SER A 9 -28.04 -12.25 0.58
CA SER A 9 -27.56 -12.58 1.91
C SER A 9 -27.28 -14.04 2.22
N THR A 10 -27.93 -14.97 1.52
CA THR A 10 -27.71 -16.38 1.79
C THR A 10 -26.48 -16.92 1.08
N GLY A 11 -25.92 -16.12 0.19
CA GLY A 11 -24.74 -16.55 -0.54
C GLY A 11 -23.47 -16.51 0.28
N SER A 12 -22.36 -16.83 -0.39
CA SER A 12 -21.05 -16.84 0.24
C SER A 12 -20.71 -15.49 0.81
N ILE A 13 -20.69 -14.49 -0.07
CA ILE A 13 -20.37 -13.12 0.31
C ILE A 13 -21.37 -12.58 1.33
N GLY A 14 -22.62 -13.04 1.26
CA GLY A 14 -23.60 -12.58 2.22
C GLY A 14 -23.26 -13.03 3.64
N CYS A 15 -23.00 -14.32 3.83
CA CYS A 15 -22.68 -14.86 5.15
C CYS A 15 -21.46 -14.21 5.79
N SER A 16 -20.45 -13.88 4.96
CA SER A 16 -19.23 -13.23 5.43
C SER A 16 -19.55 -11.80 5.90
N THR A 17 -20.42 -11.11 5.15
CA THR A 17 -20.84 -9.76 5.51
C THR A 17 -21.56 -9.78 6.86
N LEU A 18 -22.39 -10.81 7.04
CA LEU A 18 -23.13 -10.97 8.28
C LEU A 18 -22.18 -11.36 9.43
N ASP A 19 -21.07 -12.00 9.08
CA ASP A 19 -20.08 -12.38 10.08
C ASP A 19 -19.33 -11.13 10.55
N VAL A 20 -19.29 -10.10 9.70
CA VAL A 20 -18.63 -8.84 10.06
C VAL A 20 -19.62 -8.04 10.93
N VAL A 21 -20.90 -8.10 10.59
CA VAL A 21 -21.93 -7.40 11.35
C VAL A 21 -22.04 -8.08 12.71
N ARG A 22 -21.77 -9.37 12.73
CA ARG A 22 -21.82 -10.17 13.95
C ARG A 22 -20.72 -9.82 14.96
N HIS A 23 -19.51 -9.54 14.46
CA HIS A 23 -18.37 -9.19 15.32
C HIS A 23 -18.32 -7.69 15.68
N ASN A 24 -19.00 -6.85 14.91
CA ASN A 24 -19.00 -5.42 15.17
C ASN A 24 -20.46 -4.90 15.26
N PRO A 25 -21.26 -5.52 16.14
CA PRO A 25 -22.66 -5.15 16.33
C PRO A 25 -22.87 -3.71 16.79
N GLU A 26 -21.77 -3.04 17.14
CA GLU A 26 -21.82 -1.65 17.60
C GLU A 26 -21.83 -0.66 16.43
N HIS A 27 -21.23 -1.05 15.31
CA HIS A 27 -21.13 -0.18 14.15
C HIS A 27 -22.14 -0.47 13.04
N PHE A 28 -22.65 -1.69 12.98
CA PHE A 28 -23.59 -2.07 11.92
C PHE A 28 -24.88 -2.69 12.39
N ARG A 29 -25.92 -2.52 11.58
CA ARG A 29 -27.25 -3.06 11.86
C ARG A 29 -27.91 -3.43 10.54
N VAL A 30 -28.39 -4.67 10.44
CA VAL A 30 -29.06 -5.10 9.21
C VAL A 30 -30.49 -4.61 9.26
N VAL A 31 -30.90 -3.91 8.21
CA VAL A 31 -32.24 -3.38 8.12
C VAL A 31 -33.06 -4.23 7.18
N ALA A 32 -32.41 -4.85 6.20
CA ALA A 32 -33.13 -5.68 5.26
C ALA A 32 -32.24 -6.74 4.67
N LEU A 33 -32.82 -7.92 4.47
CA LEU A 33 -32.08 -9.02 3.89
C LEU A 33 -32.85 -9.43 2.63
N VAL A 34 -32.10 -9.70 1.57
CA VAL A 34 -32.67 -10.12 0.30
C VAL A 34 -31.90 -11.37 -0.12
N ALA A 35 -32.62 -12.47 -0.37
CA ALA A 35 -31.99 -13.70 -0.80
C ALA A 35 -32.75 -14.28 -1.98
N GLY A 36 -32.30 -15.44 -2.47
CA GLY A 36 -32.97 -16.07 -3.59
C GLY A 36 -34.11 -16.95 -3.13
N LYS A 37 -33.89 -18.26 -3.13
CA LYS A 37 -34.93 -19.17 -2.72
C LYS A 37 -34.53 -20.00 -1.51
N ASN A 38 -33.36 -19.72 -0.95
CA ASN A 38 -32.89 -20.45 0.24
C ASN A 38 -33.62 -19.93 1.48
N VAL A 39 -34.85 -20.40 1.66
CA VAL A 39 -35.71 -20.03 2.79
C VAL A 39 -35.06 -20.42 4.10
N THR A 40 -34.51 -21.63 4.10
CA THR A 40 -33.87 -22.26 5.25
C THR A 40 -32.76 -21.42 5.91
N ARG A 41 -31.80 -20.96 5.11
CA ARG A 41 -30.70 -20.16 5.62
C ARG A 41 -31.13 -18.75 6.03
N MET A 42 -32.14 -18.23 5.32
CA MET A 42 -32.70 -16.89 5.55
C MET A 42 -33.40 -16.78 6.90
N VAL A 43 -34.09 -17.84 7.29
CA VAL A 43 -34.79 -17.84 8.57
C VAL A 43 -33.76 -17.65 9.68
N GLU A 44 -32.67 -18.39 9.58
CA GLU A 44 -31.62 -18.32 10.57
C GLU A 44 -31.04 -16.89 10.68
N GLN A 45 -30.75 -16.28 9.53
CA GLN A 45 -30.20 -14.93 9.47
C GLN A 45 -31.23 -13.93 9.98
N CYS A 46 -32.49 -14.07 9.58
CA CYS A 46 -33.55 -13.17 10.03
C CYS A 46 -33.77 -13.28 11.54
N LEU A 47 -33.52 -14.46 12.06
CA LEU A 47 -33.70 -14.69 13.48
C LEU A 47 -32.52 -14.16 14.29
N GLU A 48 -31.33 -14.15 13.68
CA GLU A 48 -30.16 -13.62 14.39
C GLU A 48 -30.02 -12.09 14.31
N PHE A 49 -30.10 -11.54 13.11
CA PHE A 49 -29.95 -10.11 12.91
C PHE A 49 -31.25 -9.33 12.96
N SER A 50 -32.36 -10.05 12.77
CA SER A 50 -33.71 -9.50 12.80
C SER A 50 -33.92 -8.20 12.04
N PRO A 51 -33.79 -8.26 10.71
CA PRO A 51 -33.96 -7.06 9.89
C PRO A 51 -35.41 -6.60 9.99
N ARG A 52 -35.73 -5.50 9.31
CA ARG A 52 -37.11 -5.00 9.31
C ARG A 52 -37.81 -5.69 8.16
N TYR A 53 -37.03 -6.07 7.14
CA TYR A 53 -37.55 -6.75 5.96
C TYR A 53 -36.71 -7.97 5.53
N ALA A 54 -37.34 -8.83 4.76
CA ALA A 54 -36.72 -10.03 4.22
C ALA A 54 -37.43 -10.17 2.90
N VAL A 55 -36.69 -10.40 1.82
CA VAL A 55 -37.28 -10.53 0.51
C VAL A 55 -36.80 -11.83 -0.12
N MET A 56 -37.70 -12.49 -0.86
CA MET A 56 -37.33 -13.73 -1.52
C MET A 56 -37.62 -13.55 -2.99
N ASP A 57 -37.14 -14.49 -3.80
CA ASP A 57 -37.35 -14.45 -5.24
C ASP A 57 -38.84 -14.47 -5.57
N ASP A 58 -39.52 -15.56 -5.20
CA ASP A 58 -40.96 -15.72 -5.48
C ASP A 58 -41.87 -15.67 -4.26
N GLU A 59 -43.17 -15.74 -4.49
CA GLU A 59 -44.14 -15.70 -3.40
C GLU A 59 -44.23 -17.08 -2.73
N ALA A 60 -43.82 -18.11 -3.46
CA ALA A 60 -43.82 -19.45 -2.93
C ALA A 60 -42.82 -19.50 -1.76
N SER A 61 -41.59 -19.04 -2.03
CA SER A 61 -40.54 -19.01 -1.02
C SER A 61 -40.83 -17.95 0.06
N ALA A 62 -41.58 -16.90 -0.30
CA ALA A 62 -41.93 -15.83 0.63
C ALA A 62 -42.98 -16.31 1.62
N LYS A 63 -44.04 -16.93 1.10
CA LYS A 63 -45.11 -17.44 1.95
C LYS A 63 -44.56 -18.46 2.94
N LEU A 64 -43.60 -19.26 2.50
CA LEU A 64 -42.98 -20.28 3.34
C LEU A 64 -42.10 -19.64 4.40
N LEU A 65 -41.42 -18.56 4.04
CA LEU A 65 -40.57 -17.87 5.00
C LEU A 65 -41.43 -17.16 6.04
N LYS A 66 -42.57 -16.60 5.60
CA LYS A 66 -43.51 -15.93 6.52
C LYS A 66 -43.91 -16.96 7.57
N THR A 67 -44.20 -18.17 7.09
CA THR A 67 -44.63 -19.31 7.92
C THR A 67 -43.60 -19.71 8.94
N MET A 68 -42.39 -20.02 8.48
CA MET A 68 -41.32 -20.43 9.37
C MET A 68 -40.91 -19.33 10.34
N LEU A 69 -40.98 -18.08 9.87
CA LEU A 69 -40.63 -16.95 10.74
C LEU A 69 -41.78 -16.79 11.74
N GLN A 70 -43.00 -16.98 11.26
CA GLN A 70 -44.20 -16.88 12.08
C GLN A 70 -44.06 -17.75 13.32
N GLN A 71 -43.63 -18.99 13.10
CA GLN A 71 -43.41 -19.96 14.17
C GLN A 71 -42.49 -19.37 15.24
N GLN A 72 -41.26 -19.02 14.84
CA GLN A 72 -40.28 -18.47 15.76
C GLN A 72 -40.67 -17.13 16.33
N GLY A 73 -41.78 -16.58 15.86
CA GLY A 73 -42.23 -15.28 16.34
C GLY A 73 -41.22 -14.21 15.99
N SER A 74 -41.05 -13.98 14.68
CA SER A 74 -40.12 -12.97 14.20
C SER A 74 -40.93 -11.85 13.58
N ARG A 75 -40.66 -10.64 14.05
CA ARG A 75 -41.34 -9.46 13.58
C ARG A 75 -40.97 -9.13 12.13
N THR A 76 -39.89 -9.72 11.61
CA THR A 76 -39.43 -9.43 10.24
C THR A 76 -40.56 -9.56 9.21
N GLU A 77 -40.76 -8.51 8.41
CA GLU A 77 -41.80 -8.51 7.38
C GLU A 77 -41.29 -9.09 6.07
N VAL A 78 -41.98 -10.11 5.56
CA VAL A 78 -41.55 -10.75 4.32
C VAL A 78 -42.25 -10.20 3.07
N LEU A 79 -41.44 -10.01 2.02
CA LEU A 79 -41.88 -9.51 0.72
C LEU A 79 -41.22 -10.37 -0.33
N SER A 80 -41.40 -10.03 -1.60
CA SER A 80 -40.75 -10.78 -2.66
C SER A 80 -40.77 -10.02 -3.99
N GLY A 81 -40.08 -10.58 -4.97
CA GLY A 81 -40.03 -9.95 -6.28
C GLY A 81 -38.86 -9.02 -6.38
N GLN A 82 -38.45 -8.73 -7.60
CA GLN A 82 -37.33 -7.84 -7.85
C GLN A 82 -37.61 -6.42 -7.37
N GLN A 83 -38.86 -5.98 -7.49
CA GLN A 83 -39.21 -4.64 -7.07
C GLN A 83 -39.03 -4.52 -5.57
N ALA A 84 -39.34 -5.58 -4.84
CA ALA A 84 -39.16 -5.54 -3.40
C ALA A 84 -37.65 -5.37 -3.09
N ALA A 85 -36.82 -5.99 -3.91
CA ALA A 85 -35.36 -5.90 -3.77
C ALA A 85 -34.85 -4.47 -4.05
N CYS A 86 -35.42 -3.81 -5.05
CA CYS A 86 -35.05 -2.44 -5.45
C CYS A 86 -35.46 -1.44 -4.38
N ASP A 87 -36.57 -1.74 -3.71
CA ASP A 87 -37.09 -0.90 -2.65
C ASP A 87 -36.20 -1.04 -1.43
N MET A 88 -35.62 -2.23 -1.29
CA MET A 88 -34.73 -2.52 -0.17
C MET A 88 -33.38 -1.86 -0.35
N ALA A 89 -32.98 -1.71 -1.61
CA ALA A 89 -31.71 -1.10 -1.97
C ALA A 89 -31.82 0.41 -1.80
N ALA A 90 -33.04 0.94 -1.96
CA ALA A 90 -33.30 2.39 -1.85
C ALA A 90 -33.92 2.84 -0.53
N LEU A 91 -34.13 1.91 0.40
CA LEU A 91 -34.71 2.26 1.68
C LEU A 91 -34.15 3.59 2.15
N GLU A 92 -35.00 4.39 2.75
CA GLU A 92 -34.62 5.71 3.22
C GLU A 92 -33.45 5.69 4.21
N ASP A 93 -33.70 5.23 5.42
CA ASP A 93 -32.68 5.21 6.46
C ASP A 93 -31.58 4.14 6.37
N VAL A 94 -31.42 3.54 5.20
CA VAL A 94 -30.36 2.55 4.99
C VAL A 94 -29.15 3.33 4.46
N ASP A 95 -27.97 3.03 5.01
CA ASP A 95 -26.71 3.68 4.64
C ASP A 95 -25.90 2.94 3.55
N GLN A 96 -25.52 1.69 3.81
CA GLN A 96 -24.75 0.94 2.83
C GLN A 96 -25.59 -0.18 2.25
N VAL A 97 -25.20 -0.67 1.08
CA VAL A 97 -25.93 -1.76 0.42
C VAL A 97 -24.93 -2.75 -0.19
N MET A 98 -24.90 -3.98 0.33
CA MET A 98 -24.01 -5.01 -0.20
C MET A 98 -24.66 -5.55 -1.47
N ALA A 99 -24.16 -5.12 -2.62
CA ALA A 99 -24.72 -5.56 -3.89
C ALA A 99 -24.12 -6.89 -4.21
N ALA A 100 -24.53 -7.92 -3.48
CA ALA A 100 -24.02 -9.27 -3.65
C ALA A 100 -24.87 -10.19 -4.51
N ILE A 101 -25.95 -9.68 -5.09
CA ILE A 101 -26.78 -10.50 -5.98
C ILE A 101 -26.07 -10.55 -7.32
N VAL A 102 -25.82 -11.75 -7.83
CA VAL A 102 -25.10 -11.89 -9.08
C VAL A 102 -25.95 -12.29 -10.28
N GLY A 103 -25.43 -12.02 -11.46
CA GLY A 103 -26.14 -12.32 -12.69
C GLY A 103 -26.91 -11.09 -13.14
N ALA A 104 -27.86 -11.27 -14.05
CA ALA A 104 -28.67 -10.15 -14.53
C ALA A 104 -29.61 -9.76 -13.39
N ALA A 105 -29.84 -10.71 -12.49
CA ALA A 105 -30.72 -10.50 -11.36
C ALA A 105 -30.27 -9.31 -10.52
N GLY A 106 -28.97 -9.08 -10.46
CA GLY A 106 -28.45 -8.00 -9.64
C GLY A 106 -28.33 -6.60 -10.23
N LEU A 107 -28.62 -6.45 -11.52
CA LEU A 107 -28.50 -5.16 -12.19
C LEU A 107 -29.43 -4.02 -11.72
N LEU A 108 -30.74 -4.29 -11.57
CA LEU A 108 -31.66 -3.23 -11.14
C LEU A 108 -31.58 -2.89 -9.66
N PRO A 109 -31.37 -3.90 -8.79
CA PRO A 109 -31.28 -3.64 -7.35
C PRO A 109 -30.03 -2.81 -7.04
N THR A 110 -28.93 -3.11 -7.72
CA THR A 110 -27.69 -2.39 -7.54
C THR A 110 -27.92 -0.97 -8.06
N LEU A 111 -28.48 -0.90 -9.27
CA LEU A 111 -28.77 0.37 -9.92
C LEU A 111 -29.68 1.29 -9.09
N ALA A 112 -30.61 0.69 -8.35
CA ALA A 112 -31.56 1.43 -7.52
C ALA A 112 -30.89 1.92 -6.25
N ALA A 113 -29.85 1.20 -5.82
CA ALA A 113 -29.11 1.60 -4.63
C ALA A 113 -28.30 2.79 -5.07
N ILE A 114 -27.75 2.70 -6.29
CA ILE A 114 -26.95 3.77 -6.87
C ILE A 114 -27.79 5.04 -6.99
N ARG A 115 -28.83 4.98 -7.83
CA ARG A 115 -29.72 6.11 -8.05
C ARG A 115 -30.17 6.79 -6.76
N ALA A 116 -30.20 6.03 -5.66
CA ALA A 116 -30.61 6.57 -4.37
C ALA A 116 -29.41 7.12 -3.59
N GLY A 117 -28.27 7.26 -4.27
CA GLY A 117 -27.08 7.79 -3.65
C GLY A 117 -26.61 7.11 -2.37
N LYS A 118 -26.70 5.78 -2.33
CA LYS A 118 -26.27 5.01 -1.16
C LYS A 118 -24.79 4.71 -1.28
N THR A 119 -24.19 4.15 -0.23
CA THR A 119 -22.79 3.74 -0.27
C THR A 119 -22.91 2.30 -0.77
N ILE A 120 -22.35 2.02 -1.95
CA ILE A 120 -22.47 0.70 -2.53
C ILE A 120 -21.24 -0.17 -2.31
N LEU A 121 -21.45 -1.33 -1.69
CA LEU A 121 -20.38 -2.28 -1.50
C LEU A 121 -20.60 -3.20 -2.70
N LEU A 122 -19.97 -2.85 -3.80
CA LEU A 122 -20.09 -3.59 -5.04
C LEU A 122 -19.47 -4.98 -4.96
N ALA A 123 -20.33 -6.00 -4.89
CA ALA A 123 -19.86 -7.38 -4.80
C ALA A 123 -20.43 -8.27 -5.91
N ASN A 124 -20.36 -7.79 -7.14
CA ASN A 124 -20.82 -8.55 -8.30
C ASN A 124 -20.21 -7.99 -9.57
N LYS A 125 -19.83 -8.87 -10.49
CA LYS A 125 -19.20 -8.44 -11.73
C LYS A 125 -20.16 -7.91 -12.79
N GLU A 126 -21.35 -8.50 -12.88
CA GLU A 126 -22.31 -8.09 -13.91
C GLU A 126 -22.51 -6.58 -13.99
N SER A 127 -22.55 -5.92 -12.83
CA SER A 127 -22.76 -4.48 -12.79
C SER A 127 -21.91 -3.72 -13.79
N LEU A 128 -20.58 -3.85 -13.67
CA LEU A 128 -19.64 -3.14 -14.54
C LEU A 128 -19.19 -3.90 -15.78
N VAL A 129 -19.40 -5.20 -15.83
CA VAL A 129 -19.00 -5.98 -17.00
C VAL A 129 -20.01 -5.83 -18.15
N THR A 130 -21.28 -5.62 -17.80
CA THR A 130 -22.34 -5.46 -18.79
C THR A 130 -22.79 -3.99 -18.93
N CYS A 131 -23.05 -3.33 -17.81
CA CYS A 131 -23.51 -1.93 -17.83
C CYS A 131 -22.48 -0.95 -17.26
N GLY A 132 -21.22 -1.08 -17.67
CA GLY A 132 -20.19 -0.18 -17.15
C GLY A 132 -20.44 1.29 -17.38
N ARG A 133 -20.74 1.62 -18.63
CA ARG A 133 -21.02 2.98 -19.05
C ARG A 133 -22.20 3.53 -18.24
N LEU A 134 -23.32 2.82 -18.33
CA LEU A 134 -24.55 3.20 -17.65
C LEU A 134 -24.37 3.37 -16.14
N PHE A 135 -23.81 2.37 -15.48
CA PHE A 135 -23.62 2.42 -14.03
C PHE A 135 -22.74 3.55 -13.52
N MET A 136 -21.63 3.81 -14.20
CA MET A 136 -20.72 4.88 -13.76
C MET A 136 -21.27 6.30 -13.86
N ASP A 137 -22.19 6.52 -14.80
CA ASP A 137 -22.79 7.84 -14.91
C ASP A 137 -23.86 7.95 -13.82
N ALA A 138 -24.52 6.83 -13.53
CA ALA A 138 -25.55 6.82 -12.49
C ALA A 138 -24.96 7.24 -11.15
N VAL A 139 -23.68 6.89 -10.94
CA VAL A 139 -22.94 7.19 -9.72
C VAL A 139 -22.54 8.64 -9.69
N LYS A 140 -22.11 9.14 -10.85
CA LYS A 140 -21.70 10.55 -10.97
C LYS A 140 -22.89 11.41 -10.56
N GLN A 141 -24.07 11.09 -11.11
CA GLN A 141 -25.28 11.85 -10.85
C GLN A 141 -25.80 11.85 -9.44
N SER A 142 -25.78 10.68 -8.80
CA SER A 142 -26.30 10.55 -7.44
C SER A 142 -25.23 10.69 -6.39
N LYS A 143 -23.97 10.70 -6.84
CA LYS A 143 -22.83 10.79 -5.95
C LYS A 143 -23.01 9.74 -4.85
N ALA A 144 -22.96 8.50 -5.31
CA ALA A 144 -23.08 7.36 -4.42
C ALA A 144 -21.63 6.88 -4.33
N GLN A 145 -21.26 6.40 -3.15
CA GLN A 145 -19.90 5.91 -2.94
C GLN A 145 -19.75 4.42 -3.32
N LEU A 146 -19.00 4.14 -4.39
CA LEU A 146 -18.74 2.78 -4.77
C LEU A 146 -17.51 2.35 -3.98
N LEU A 147 -17.57 1.14 -3.46
CA LEU A 147 -16.48 0.54 -2.70
C LEU A 147 -16.43 -0.92 -3.21
N PRO A 148 -15.43 -1.25 -4.04
CA PRO A 148 -15.35 -2.63 -4.55
C PRO A 148 -15.03 -3.65 -3.47
N VAL A 149 -15.82 -4.72 -3.40
CA VAL A 149 -15.64 -5.77 -2.40
C VAL A 149 -14.76 -6.91 -2.91
N ASP A 150 -14.70 -7.09 -4.22
CA ASP A 150 -13.89 -8.15 -4.81
C ASP A 150 -12.42 -7.93 -4.42
N SER A 151 -11.73 -9.02 -4.08
CA SER A 151 -10.34 -8.97 -3.65
C SER A 151 -9.43 -8.04 -4.40
N GLU A 152 -9.28 -8.24 -5.71
CA GLU A 152 -8.39 -7.40 -6.54
C GLU A 152 -8.71 -5.91 -6.60
N HIS A 153 -9.97 -5.58 -6.83
CA HIS A 153 -10.38 -4.18 -6.91
C HIS A 153 -10.29 -3.50 -5.56
N ASN A 154 -10.62 -4.24 -4.51
CA ASN A 154 -10.55 -3.73 -3.16
C ASN A 154 -9.08 -3.38 -2.92
N ALA A 155 -8.21 -4.33 -3.25
CA ALA A 155 -6.78 -4.12 -3.11
C ALA A 155 -6.40 -2.82 -3.82
N ILE A 156 -6.73 -2.70 -5.10
CA ILE A 156 -6.43 -1.50 -5.89
C ILE A 156 -7.02 -0.21 -5.28
N PHE A 157 -8.20 -0.31 -4.65
CA PHE A 157 -8.87 0.84 -4.03
C PHE A 157 -8.10 1.32 -2.79
N GLN A 158 -7.64 0.37 -1.97
CA GLN A 158 -6.88 0.69 -0.76
C GLN A 158 -5.51 1.30 -1.12
N SER A 159 -5.01 0.92 -2.29
CA SER A 159 -3.71 1.39 -2.77
C SER A 159 -3.75 2.67 -3.60
N LEU A 160 -4.94 3.27 -3.74
CA LEU A 160 -5.11 4.50 -4.50
C LEU A 160 -5.15 5.63 -3.50
N PRO A 161 -4.85 6.87 -3.95
CA PRO A 161 -4.87 8.02 -3.05
C PRO A 161 -6.30 8.36 -2.63
N GLN A 162 -6.44 9.13 -1.54
CA GLN A 162 -7.77 9.47 -1.08
C GLN A 162 -8.62 10.30 -2.06
N PRO A 163 -8.05 11.31 -2.74
CA PRO A 163 -8.97 12.00 -3.65
C PRO A 163 -9.59 11.10 -4.74
N ILE A 164 -8.92 10.00 -5.10
CA ILE A 164 -9.47 9.10 -6.09
C ILE A 164 -10.48 8.17 -5.43
N GLN A 165 -10.27 7.88 -4.15
CA GLN A 165 -11.19 7.03 -3.40
C GLN A 165 -12.58 7.64 -3.14
N HIS A 166 -12.67 8.96 -3.02
CA HIS A 166 -13.95 9.62 -2.76
C HIS A 166 -14.73 9.98 -4.03
N ASN A 167 -14.04 10.11 -5.15
CA ASN A 167 -14.70 10.42 -6.41
C ASN A 167 -14.47 9.19 -7.27
N LEU A 168 -14.97 8.04 -6.86
CA LEU A 168 -14.70 6.84 -7.65
C LEU A 168 -15.37 6.81 -9.01
N GLY A 169 -14.55 6.58 -10.04
CA GLY A 169 -15.06 6.50 -11.39
C GLY A 169 -14.92 7.83 -12.11
N TYR A 170 -15.09 8.91 -11.35
CA TYR A 170 -14.96 10.25 -11.89
C TYR A 170 -13.75 10.97 -11.31
N ALA A 171 -12.62 10.26 -11.25
CA ALA A 171 -11.40 10.83 -10.72
C ALA A 171 -10.32 10.54 -11.74
N ASP A 172 -9.47 11.52 -11.98
CA ASP A 172 -8.40 11.31 -12.94
C ASP A 172 -7.22 10.62 -12.29
N LEU A 173 -6.76 9.56 -12.92
CA LEU A 173 -5.63 8.81 -12.41
C LEU A 173 -4.36 9.64 -12.53
N GLU A 174 -3.99 9.94 -13.77
CA GLU A 174 -2.78 10.72 -14.06
C GLU A 174 -2.72 12.01 -13.24
N GLN A 175 -3.86 12.68 -13.13
CA GLN A 175 -3.90 13.91 -12.37
C GLN A 175 -3.51 13.69 -10.90
N ASN A 176 -3.80 12.51 -10.36
CA ASN A 176 -3.46 12.24 -8.95
C ASN A 176 -2.16 11.47 -8.71
N GLY A 177 -1.31 11.39 -9.73
CA GLY A 177 -0.04 10.71 -9.57
C GLY A 177 -0.01 9.25 -9.90
N VAL A 178 -1.14 8.69 -10.34
CA VAL A 178 -1.14 7.29 -10.66
C VAL A 178 -0.68 7.08 -12.09
N VAL A 179 0.35 6.25 -12.26
CA VAL A 179 0.89 5.91 -13.56
C VAL A 179 0.04 4.78 -14.16
N SER A 180 -0.30 3.78 -13.32
CA SER A 180 -1.11 2.66 -13.77
C SER A 180 -1.61 1.80 -12.62
N ILE A 181 -2.47 0.84 -12.95
CA ILE A 181 -3.08 -0.07 -11.99
C ILE A 181 -2.67 -1.51 -12.29
N LEU A 182 -2.00 -2.13 -11.32
CA LEU A 182 -1.52 -3.49 -11.49
C LEU A 182 -2.50 -4.51 -10.98
N LEU A 183 -3.24 -5.08 -11.94
CA LEU A 183 -4.25 -6.10 -11.69
C LEU A 183 -3.51 -7.45 -11.69
N THR A 184 -3.55 -8.14 -10.54
CA THR A 184 -2.86 -9.41 -10.37
C THR A 184 -3.78 -10.62 -10.28
N GLY A 185 -3.28 -11.78 -10.73
CA GLY A 185 -4.06 -13.01 -10.69
C GLY A 185 -3.18 -14.24 -10.58
N SER A 186 -3.69 -15.32 -9.97
CA SER A 186 -2.90 -16.56 -9.81
C SER A 186 -2.33 -17.14 -11.10
N GLY A 187 -3.09 -17.03 -12.19
CA GLY A 187 -2.66 -17.56 -13.47
C GLY A 187 -3.37 -18.87 -13.74
N GLY A 188 -4.13 -19.31 -12.74
CA GLY A 188 -4.89 -20.53 -12.82
C GLY A 188 -4.08 -21.78 -12.59
N PRO A 189 -4.75 -22.93 -12.48
CA PRO A 189 -4.21 -24.28 -12.26
C PRO A 189 -3.33 -24.86 -13.37
N PHE A 190 -3.56 -24.41 -14.61
CA PHE A 190 -2.77 -24.90 -15.76
C PHE A 190 -1.73 -23.85 -16.18
N ARG A 191 -1.21 -23.12 -15.20
CA ARG A 191 -0.24 -22.07 -15.48
C ARG A 191 1.03 -22.68 -16.07
N GLU A 192 1.40 -23.83 -15.54
CA GLU A 192 2.61 -24.53 -15.97
C GLU A 192 2.45 -25.70 -16.93
N THR A 193 1.21 -25.98 -17.35
CA THR A 193 0.92 -27.06 -18.31
C THR A 193 1.41 -26.59 -19.69
N PRO A 194 2.27 -27.41 -20.34
CA PRO A 194 2.76 -27.02 -21.66
C PRO A 194 1.59 -26.71 -22.60
N LEU A 195 1.70 -25.62 -23.35
CA LEU A 195 0.63 -25.22 -24.26
C LEU A 195 -0.05 -26.40 -24.95
N ARG A 196 0.70 -27.06 -25.83
CA ARG A 196 0.17 -28.22 -26.55
C ARG A 196 -0.04 -29.32 -25.50
N ASP A 197 -1.16 -29.21 -24.78
CA ASP A 197 -1.51 -30.16 -23.72
C ASP A 197 -2.71 -29.58 -23.01
N LEU A 198 -3.04 -28.34 -23.36
CA LEU A 198 -4.17 -27.66 -22.75
C LEU A 198 -5.48 -28.17 -23.34
N ALA A 199 -5.42 -28.68 -24.57
CA ALA A 199 -6.60 -29.20 -25.23
C ALA A 199 -7.16 -30.43 -24.53
N THR A 200 -6.26 -31.21 -23.93
CA THR A 200 -6.61 -32.44 -23.24
C THR A 200 -6.84 -32.29 -21.75
N MET A 201 -7.30 -31.11 -21.32
CA MET A 201 -7.55 -30.89 -19.89
C MET A 201 -9.01 -31.21 -19.55
N THR A 202 -9.23 -31.80 -18.38
CA THR A 202 -10.57 -32.19 -17.96
C THR A 202 -11.09 -31.40 -16.77
N PRO A 203 -12.42 -31.45 -16.54
CA PRO A 203 -13.12 -30.76 -15.45
C PRO A 203 -12.62 -31.14 -14.05
N ASP A 204 -11.99 -32.31 -13.93
CA ASP A 204 -11.47 -32.79 -12.66
C ASP A 204 -10.07 -32.22 -12.41
N GLN A 205 -9.37 -31.88 -13.49
CA GLN A 205 -8.03 -31.32 -13.39
C GLN A 205 -8.08 -29.84 -13.03
N ALA A 206 -9.30 -29.29 -12.94
CA ALA A 206 -9.52 -27.90 -12.62
C ALA A 206 -10.61 -27.81 -11.55
N CYS A 207 -10.29 -28.19 -10.32
CA CYS A 207 -11.26 -28.16 -9.23
C CYS A 207 -11.22 -26.88 -8.39
N ARG A 216 -15.97 -24.15 -9.07
CA ARG A 216 -16.34 -24.87 -10.28
C ARG A 216 -16.17 -23.97 -11.50
N LYS A 217 -17.15 -23.09 -11.73
CA LYS A 217 -17.08 -22.16 -12.87
C LYS A 217 -15.96 -21.17 -12.63
N ILE A 218 -15.83 -20.73 -11.37
CA ILE A 218 -14.80 -19.78 -10.97
C ILE A 218 -13.41 -20.37 -11.19
N SER A 219 -13.34 -21.69 -11.00
CA SER A 219 -12.11 -22.46 -11.15
C SER A 219 -11.68 -22.58 -12.60
N VAL A 220 -12.66 -22.71 -13.50
CA VAL A 220 -12.39 -22.80 -14.94
C VAL A 220 -12.04 -21.40 -15.45
N ASP A 221 -12.73 -20.40 -14.91
CA ASP A 221 -12.51 -19.01 -15.30
C ASP A 221 -11.16 -18.51 -14.82
N SER A 222 -10.62 -19.20 -13.82
CA SER A 222 -9.31 -18.87 -13.29
C SER A 222 -8.29 -19.52 -14.22
N ALA A 223 -8.61 -20.73 -14.69
CA ALA A 223 -7.71 -21.47 -15.57
C ALA A 223 -7.58 -20.84 -16.97
N THR A 224 -8.62 -20.15 -17.42
CA THR A 224 -8.58 -19.51 -18.73
C THR A 224 -8.27 -18.03 -18.57
N MET A 225 -8.51 -17.54 -17.36
CA MET A 225 -8.31 -16.14 -16.97
C MET A 225 -9.34 -15.21 -17.60
N MET A 226 -10.52 -15.76 -17.80
CA MET A 226 -11.63 -15.00 -18.32
C MET A 226 -11.99 -14.13 -17.12
N ASN A 227 -11.75 -14.68 -15.93
CA ASN A 227 -12.02 -13.99 -14.67
C ASN A 227 -11.19 -12.69 -14.58
N LYS A 228 -9.90 -12.82 -14.86
CA LYS A 228 -9.01 -11.68 -14.83
C LYS A 228 -9.47 -10.71 -15.91
N GLY A 229 -9.73 -11.25 -17.11
CA GLY A 229 -10.18 -10.41 -18.21
C GLY A 229 -11.44 -9.64 -17.84
N LEU A 230 -12.36 -10.28 -17.14
CA LEU A 230 -13.60 -9.61 -16.72
C LEU A 230 -13.27 -8.53 -15.69
N GLU A 231 -12.20 -8.76 -14.93
CA GLU A 231 -11.75 -7.82 -13.90
C GLU A 231 -10.99 -6.64 -14.52
N TYR A 232 -10.45 -6.85 -15.72
CA TYR A 232 -9.77 -5.81 -16.48
C TYR A 232 -10.91 -4.87 -16.92
N ILE A 233 -11.98 -5.46 -17.42
CA ILE A 233 -13.14 -4.71 -17.84
C ILE A 233 -13.68 -3.82 -16.69
N GLU A 234 -13.96 -4.40 -15.53
CA GLU A 234 -14.51 -3.62 -14.40
C GLU A 234 -13.56 -2.55 -13.89
N ALA A 235 -12.28 -2.92 -13.79
CA ALA A 235 -11.25 -2.01 -13.28
C ALA A 235 -11.23 -0.72 -14.08
N ARG A 236 -11.25 -0.88 -15.40
CA ARG A 236 -11.25 0.26 -16.31
C ARG A 236 -12.40 1.20 -15.95
N TRP A 237 -13.62 0.68 -15.97
CA TRP A 237 -14.77 1.52 -15.62
C TRP A 237 -14.63 2.08 -14.22
N LEU A 238 -14.41 1.19 -13.27
CA LEU A 238 -14.31 1.53 -11.86
C LEU A 238 -13.27 2.56 -11.49
N PHE A 239 -12.09 2.47 -12.10
CA PHE A 239 -11.00 3.38 -11.78
C PHE A 239 -10.69 4.46 -12.83
N ASN A 240 -11.53 4.53 -13.85
CA ASN A 240 -11.37 5.47 -14.96
C ASN A 240 -9.94 5.37 -15.51
N ALA A 241 -9.59 4.14 -15.88
CA ALA A 241 -8.28 3.82 -16.42
C ALA A 241 -8.35 3.54 -17.91
N SER A 242 -7.30 3.92 -18.62
CA SER A 242 -7.19 3.70 -20.05
C SER A 242 -6.42 2.39 -20.23
N ALA A 243 -6.30 1.89 -21.47
CA ALA A 243 -5.61 0.62 -21.66
C ALA A 243 -4.11 0.68 -21.36
N SER A 244 -3.55 1.88 -21.40
CA SER A 244 -2.13 2.06 -21.14
C SER A 244 -1.91 2.23 -19.65
N GLN A 245 -2.99 2.49 -18.92
CA GLN A 245 -2.93 2.67 -17.48
C GLN A 245 -3.31 1.36 -16.77
N MET A 246 -3.23 0.25 -17.50
CA MET A 246 -3.55 -1.08 -16.97
C MET A 246 -2.44 -2.06 -17.25
N GLU A 247 -2.20 -2.92 -16.26
CA GLU A 247 -1.19 -3.96 -16.35
C GLU A 247 -1.79 -5.19 -15.72
N VAL A 248 -1.54 -6.32 -16.34
CA VAL A 248 -2.05 -7.58 -15.86
C VAL A 248 -0.81 -8.37 -15.47
N LEU A 249 -0.74 -8.79 -14.22
CA LEU A 249 0.44 -9.53 -13.76
C LEU A 249 0.07 -10.89 -13.15
N ILE A 250 0.89 -11.89 -13.47
CA ILE A 250 0.69 -13.21 -12.90
C ILE A 250 1.51 -13.25 -11.58
N HIS A 251 0.79 -13.45 -10.47
CA HIS A 251 1.37 -13.57 -9.15
C HIS A 251 0.72 -14.84 -8.63
N PRO A 252 1.40 -15.98 -8.83
CA PRO A 252 0.95 -17.31 -8.43
C PRO A 252 0.59 -17.51 -6.95
N GLN A 253 1.36 -16.90 -6.04
CA GLN A 253 1.11 -17.06 -4.62
C GLN A 253 -0.08 -16.27 -4.09
N SER A 254 -0.52 -15.28 -4.85
CA SER A 254 -1.67 -14.43 -4.50
C SER A 254 -1.74 -13.88 -3.07
N VAL A 255 -0.63 -13.37 -2.54
CA VAL A 255 -0.58 -12.79 -1.19
C VAL A 255 -0.88 -11.34 -1.44
N ILE A 256 -0.27 -10.82 -2.51
CA ILE A 256 -0.49 -9.46 -2.96
C ILE A 256 -1.79 -9.62 -3.75
N HIS A 257 -2.79 -8.82 -3.43
CA HIS A 257 -4.08 -8.91 -4.10
C HIS A 257 -4.22 -8.01 -5.34
N SER A 258 -3.28 -7.07 -5.48
CA SER A 258 -3.18 -6.12 -6.60
C SER A 258 -2.45 -4.89 -6.12
N MET A 259 -1.95 -4.07 -7.06
CA MET A 259 -1.17 -2.88 -6.71
C MET A 259 -1.48 -1.66 -7.58
N VAL A 260 -0.86 -0.52 -7.24
CA VAL A 260 -1.02 0.74 -7.98
C VAL A 260 0.34 1.40 -8.12
N ARG A 261 0.70 1.75 -9.36
CA ARG A 261 1.97 2.37 -9.69
C ARG A 261 1.87 3.88 -9.69
N TYR A 262 2.90 4.54 -9.14
CA TYR A 262 2.89 6.00 -9.04
C TYR A 262 4.02 6.70 -9.82
N GLN A 263 3.84 7.99 -10.10
CA GLN A 263 4.81 8.78 -10.85
C GLN A 263 6.24 8.73 -10.35
N ASP A 264 6.40 8.83 -9.02
CA ASP A 264 7.73 8.84 -8.40
C ASP A 264 8.39 7.50 -8.29
N GLY A 265 7.73 6.46 -8.79
CA GLY A 265 8.30 5.12 -8.73
C GLY A 265 7.70 4.18 -7.68
N SER A 266 7.04 4.73 -6.66
CA SER A 266 6.46 3.88 -5.64
C SER A 266 5.40 2.98 -6.22
N VAL A 267 5.22 1.82 -5.59
CA VAL A 267 4.17 0.87 -5.95
C VAL A 267 3.49 0.53 -4.62
N LEU A 268 2.20 0.81 -4.50
CA LEU A 268 1.46 0.51 -3.28
C LEU A 268 0.68 -0.78 -3.50
N ALA A 269 0.66 -1.65 -2.49
CA ALA A 269 -0.03 -2.93 -2.61
C ALA A 269 -0.83 -3.27 -1.38
N GLN A 270 -1.72 -4.26 -1.51
CA GLN A 270 -2.51 -4.71 -0.35
C GLN A 270 -2.20 -6.19 -0.31
N LEU A 271 -1.92 -6.72 0.88
CA LEU A 271 -1.63 -8.13 1.06
C LEU A 271 -2.51 -8.61 2.20
N GLY A 272 -2.73 -9.92 2.24
CA GLY A 272 -3.53 -10.51 3.30
C GLY A 272 -3.86 -11.95 2.98
N GLU A 273 -4.75 -12.54 3.78
CA GLU A 273 -5.19 -13.92 3.60
C GLU A 273 -6.33 -13.96 2.58
N PRO A 274 -6.50 -15.09 1.89
CA PRO A 274 -7.58 -15.18 0.90
C PRO A 274 -8.97 -14.84 1.46
N ASP A 275 -9.13 -14.92 2.77
CA ASP A 275 -10.40 -14.63 3.43
C ASP A 275 -11.09 -13.39 2.86
N MET A 276 -12.37 -13.52 2.50
CA MET A 276 -13.14 -12.40 1.94
C MET A 276 -13.61 -11.37 2.98
N ARG A 277 -13.67 -11.79 4.23
CA ARG A 277 -14.10 -10.90 5.31
C ARG A 277 -13.23 -9.67 5.45
N THR A 278 -12.03 -9.70 4.89
CA THR A 278 -11.11 -8.55 4.95
C THR A 278 -11.57 -7.43 3.99
N PRO A 279 -11.65 -7.72 2.68
CA PRO A 279 -12.08 -6.65 1.78
C PRO A 279 -13.49 -6.21 2.14
N ILE A 280 -14.33 -7.14 2.57
CA ILE A 280 -15.69 -6.80 2.99
C ILE A 280 -15.68 -5.88 4.20
N ALA A 281 -14.86 -6.19 5.19
CA ALA A 281 -14.79 -5.35 6.40
C ALA A 281 -14.19 -3.98 6.10
N HIS A 282 -13.34 -3.92 5.08
CA HIS A 282 -12.71 -2.66 4.69
C HIS A 282 -13.71 -1.68 4.15
N THR A 283 -14.54 -2.14 3.20
CA THR A 283 -15.57 -1.33 2.54
C THR A 283 -16.65 -0.93 3.57
N MET A 284 -16.99 -1.87 4.43
CA MET A 284 -17.99 -1.62 5.46
C MET A 284 -17.51 -0.57 6.47
N ALA A 285 -16.28 -0.71 6.96
CA ALA A 285 -15.76 0.24 7.95
C ALA A 285 -15.30 1.59 7.37
N TRP A 286 -14.88 1.56 6.10
CA TRP A 286 -14.37 2.75 5.37
C TRP A 286 -15.05 4.07 5.73
N PRO A 287 -14.25 5.15 5.94
CA PRO A 287 -12.79 5.21 5.88
C PRO A 287 -12.03 4.73 7.11
N ASN A 288 -12.67 3.94 7.96
CA ASN A 288 -12.01 3.41 9.15
C ASN A 288 -11.85 1.91 8.93
N ARG A 289 -11.63 1.18 10.03
CA ARG A 289 -11.46 -0.26 9.98
C ARG A 289 -12.15 -0.90 11.18
N VAL A 290 -12.33 -2.21 11.09
CA VAL A 290 -12.94 -2.99 12.15
C VAL A 290 -12.26 -4.34 12.04
N ASN A 291 -12.54 -5.22 12.99
CA ASN A 291 -11.97 -6.55 12.92
C ASN A 291 -12.97 -7.36 12.11
N SER A 292 -12.45 -8.13 11.18
CA SER A 292 -13.29 -8.97 10.35
C SER A 292 -13.32 -10.34 11.01
N GLY A 293 -12.25 -10.61 11.77
CA GLY A 293 -12.07 -11.88 12.45
C GLY A 293 -11.05 -12.70 11.66
N VAL A 294 -10.42 -12.06 10.68
CA VAL A 294 -9.44 -12.70 9.83
C VAL A 294 -8.05 -12.76 10.45
N LYS A 295 -7.35 -13.86 10.19
CA LYS A 295 -5.99 -14.11 10.70
C LYS A 295 -4.90 -13.12 10.22
N PRO A 296 -4.04 -12.63 11.15
CA PRO A 296 -2.99 -11.72 10.71
C PRO A 296 -2.04 -12.45 9.79
N LEU A 297 -1.71 -11.84 8.66
CA LEU A 297 -0.81 -12.47 7.72
C LEU A 297 0.47 -12.80 8.48
N ASP A 298 0.95 -14.01 8.31
CA ASP A 298 2.17 -14.49 8.97
C ASP A 298 3.24 -14.50 7.86
N PHE A 299 3.97 -13.40 7.70
CA PHE A 299 4.99 -13.31 6.66
C PHE A 299 6.10 -14.33 6.77
N CYS A 300 6.09 -15.12 7.84
CA CYS A 300 7.12 -16.12 8.00
C CYS A 300 6.69 -17.43 7.34
N LYS A 301 5.39 -17.73 7.44
CA LYS A 301 4.80 -18.94 6.85
C LYS A 301 4.27 -18.72 5.42
N LEU A 302 5.10 -18.13 4.55
CA LEU A 302 4.72 -17.82 3.17
C LEU A 302 5.59 -18.47 2.11
N SER A 303 5.05 -18.58 0.91
CA SER A 303 5.81 -19.14 -0.20
C SER A 303 6.51 -17.93 -0.81
N ALA A 304 7.66 -18.15 -1.45
CA ALA A 304 8.35 -17.04 -2.06
C ALA A 304 7.38 -16.34 -3.03
N LEU A 305 7.42 -15.01 -3.10
CA LEU A 305 6.53 -14.31 -4.00
C LEU A 305 7.17 -14.08 -5.38
N THR A 306 6.47 -14.55 -6.42
CA THR A 306 6.95 -14.39 -7.79
C THR A 306 5.91 -13.71 -8.67
N PHE A 307 6.37 -13.12 -9.78
CA PHE A 307 5.50 -12.44 -10.72
C PHE A 307 6.00 -12.75 -12.12
N ALA A 308 5.13 -12.55 -13.11
CA ALA A 308 5.48 -12.79 -14.50
C ALA A 308 4.38 -12.24 -15.40
N ALA A 309 4.76 -11.98 -16.64
CA ALA A 309 3.82 -11.47 -17.63
C ALA A 309 2.86 -12.56 -18.10
N PRO A 310 1.63 -12.18 -18.44
CA PRO A 310 0.75 -13.25 -18.88
C PRO A 310 1.04 -13.55 -20.37
N ASP A 311 1.12 -14.84 -20.72
CA ASP A 311 1.36 -15.27 -22.10
C ASP A 311 -0.03 -15.35 -22.71
N TYR A 312 -0.32 -14.51 -23.70
CA TYR A 312 -1.64 -14.52 -24.31
C TYR A 312 -1.91 -15.75 -25.18
N ASP A 313 -0.88 -16.52 -25.46
CA ASP A 313 -1.04 -17.77 -26.21
C ASP A 313 -1.61 -18.78 -25.23
N ARG A 314 -1.38 -18.56 -23.94
CA ARG A 314 -1.87 -19.45 -22.88
C ARG A 314 -3.18 -18.97 -22.28
N TYR A 315 -3.49 -17.69 -22.45
CA TYR A 315 -4.74 -17.13 -21.93
C TYR A 315 -5.40 -16.22 -22.96
N PRO A 316 -6.08 -16.82 -23.95
CA PRO A 316 -6.77 -16.08 -25.01
C PRO A 316 -8.00 -15.33 -24.49
N CYS A 317 -8.64 -15.87 -23.46
CA CYS A 317 -9.81 -15.21 -22.89
C CYS A 317 -9.43 -13.86 -22.31
N LEU A 318 -8.17 -13.72 -21.92
CA LEU A 318 -7.68 -12.46 -21.36
C LEU A 318 -7.54 -11.43 -22.49
N LYS A 319 -6.88 -11.81 -23.58
CA LYS A 319 -6.71 -10.90 -24.71
C LYS A 319 -8.09 -10.52 -25.27
N LEU A 320 -8.98 -11.51 -25.35
CA LEU A 320 -10.33 -11.32 -25.89
C LEU A 320 -11.10 -10.28 -25.07
N ALA A 321 -11.04 -10.41 -23.74
CA ALA A 321 -11.72 -9.48 -22.83
C ALA A 321 -11.14 -8.06 -22.95
N MET A 322 -9.85 -7.98 -23.25
CA MET A 322 -9.17 -6.69 -23.40
C MET A 322 -9.55 -6.02 -24.72
N GLU A 323 -9.66 -6.82 -25.79
CA GLU A 323 -10.05 -6.33 -27.11
C GLU A 323 -11.55 -6.02 -27.04
N ALA A 324 -12.30 -6.89 -26.36
CA ALA A 324 -13.73 -6.71 -26.19
C ALA A 324 -14.08 -5.39 -25.51
N PHE A 325 -13.26 -4.93 -24.57
CA PHE A 325 -13.54 -3.67 -23.89
C PHE A 325 -13.52 -2.52 -24.89
N GLU A 326 -12.56 -2.60 -25.81
CA GLU A 326 -12.35 -1.60 -26.86
C GLU A 326 -13.51 -1.58 -27.82
N GLN A 327 -14.14 -2.74 -28.01
CA GLN A 327 -15.27 -2.89 -28.92
C GLN A 327 -16.60 -2.33 -28.34
N GLY A 328 -16.73 -2.22 -27.03
CA GLY A 328 -17.94 -1.68 -26.45
C GLY A 328 -18.67 -2.59 -25.49
N GLN A 329 -19.58 -2.03 -24.69
CA GLN A 329 -20.35 -2.78 -23.70
C GLN A 329 -21.21 -3.87 -24.32
N ALA A 330 -21.42 -3.79 -25.63
CA ALA A 330 -22.20 -4.79 -26.32
C ALA A 330 -21.33 -6.05 -26.42
N ALA A 331 -20.06 -5.85 -26.74
CA ALA A 331 -19.11 -6.93 -26.88
C ALA A 331 -18.73 -7.60 -25.54
N THR A 332 -18.64 -6.80 -24.46
CA THR A 332 -18.28 -7.36 -23.15
C THR A 332 -19.48 -8.06 -22.51
N THR A 333 -20.68 -7.64 -22.88
CA THR A 333 -21.87 -8.26 -22.33
C THR A 333 -22.06 -9.62 -22.99
N ALA A 334 -21.60 -9.73 -24.23
CA ALA A 334 -21.70 -10.98 -24.96
C ALA A 334 -20.58 -11.93 -24.55
N LEU A 335 -19.42 -11.37 -24.17
CA LEU A 335 -18.27 -12.19 -23.74
C LEU A 335 -18.65 -12.89 -22.44
N ASN A 336 -19.25 -12.13 -21.53
CA ASN A 336 -19.66 -12.70 -20.27
C ASN A 336 -20.68 -13.80 -20.53
N ALA A 337 -21.62 -13.50 -21.41
CA ALA A 337 -22.68 -14.44 -21.77
C ALA A 337 -22.17 -15.76 -22.40
N ALA A 338 -21.51 -15.63 -23.55
CA ALA A 338 -20.97 -16.78 -24.27
C ALA A 338 -20.10 -17.67 -23.38
N ASN A 339 -19.37 -17.05 -22.46
CA ASN A 339 -18.47 -17.76 -21.56
C ASN A 339 -19.17 -18.65 -20.52
N GLU A 340 -20.36 -18.24 -20.08
CA GLU A 340 -21.08 -19.04 -19.09
C GLU A 340 -21.55 -20.31 -19.75
N ILE A 341 -21.89 -20.20 -21.04
CA ILE A 341 -22.35 -21.29 -21.88
C ILE A 341 -21.22 -22.28 -22.15
N THR A 342 -20.12 -21.76 -22.70
CA THR A 342 -18.94 -22.56 -23.03
C THR A 342 -18.27 -23.22 -21.82
N VAL A 343 -18.11 -22.47 -20.73
CA VAL A 343 -17.48 -23.04 -19.53
C VAL A 343 -18.31 -24.21 -19.07
N ALA A 344 -19.62 -24.01 -19.01
CA ALA A 344 -20.53 -25.06 -18.59
C ALA A 344 -20.51 -26.22 -19.57
N ALA A 345 -20.32 -25.94 -20.87
CA ALA A 345 -20.26 -26.99 -21.91
C ALA A 345 -19.02 -27.83 -21.71
N PHE A 346 -17.91 -27.16 -21.43
CA PHE A 346 -16.65 -27.86 -21.19
C PHE A 346 -16.81 -28.72 -19.92
N LEU A 347 -17.50 -28.16 -18.92
CA LEU A 347 -17.75 -28.83 -17.64
C LEU A 347 -18.60 -30.08 -17.76
N ALA A 348 -19.51 -30.10 -18.71
CA ALA A 348 -20.38 -31.26 -18.91
C ALA A 348 -19.71 -32.28 -19.84
N GLN A 349 -18.64 -31.87 -20.50
CA GLN A 349 -17.86 -32.72 -21.42
C GLN A 349 -18.40 -32.79 -22.84
N GLN A 350 -18.79 -31.65 -23.36
CA GLN A 350 -19.33 -31.52 -24.71
C GLN A 350 -18.27 -30.87 -25.61
N ILE A 351 -17.34 -30.20 -24.94
CA ILE A 351 -16.26 -29.52 -25.64
C ILE A 351 -14.95 -29.58 -24.85
N ARG A 352 -13.84 -29.48 -25.58
CA ARG A 352 -12.49 -29.52 -25.00
C ARG A 352 -12.23 -28.24 -24.21
N PHE A 353 -11.29 -28.30 -23.24
CA PHE A 353 -10.97 -27.11 -22.43
C PHE A 353 -10.59 -25.92 -23.30
N THR A 354 -9.85 -26.22 -24.36
CA THR A 354 -9.39 -25.22 -25.29
C THR A 354 -10.50 -24.60 -26.15
N ASP A 355 -11.67 -25.23 -26.16
CA ASP A 355 -12.80 -24.73 -26.95
C ASP A 355 -13.56 -23.58 -26.30
N ILE A 356 -13.34 -23.36 -25.01
CA ILE A 356 -13.98 -22.28 -24.27
C ILE A 356 -13.50 -20.95 -24.86
N ALA A 357 -12.19 -20.81 -25.00
CA ALA A 357 -11.60 -19.59 -25.54
C ALA A 357 -11.94 -19.42 -27.02
N ALA A 358 -11.87 -20.53 -27.76
CA ALA A 358 -12.13 -20.54 -29.19
C ALA A 358 -13.59 -20.30 -29.55
N LEU A 359 -14.50 -20.83 -28.75
CA LEU A 359 -15.91 -20.63 -29.03
C LEU A 359 -16.32 -19.25 -28.55
N ASN A 360 -15.64 -18.72 -27.54
CA ASN A 360 -15.97 -17.37 -27.09
C ASN A 360 -15.56 -16.43 -28.21
N LEU A 361 -14.39 -16.68 -28.80
CA LEU A 361 -13.89 -15.86 -29.89
C LEU A 361 -14.92 -15.87 -31.01
N SER A 362 -15.48 -17.05 -31.30
CA SER A 362 -16.50 -17.22 -32.36
C SER A 362 -17.75 -16.40 -32.07
N VAL A 363 -18.40 -16.68 -30.94
CA VAL A 363 -19.60 -15.94 -30.59
C VAL A 363 -19.42 -14.45 -30.84
N LEU A 364 -18.28 -13.90 -30.42
CA LEU A 364 -18.00 -12.47 -30.58
C LEU A 364 -17.81 -12.09 -32.04
N GLU A 365 -17.19 -12.99 -32.81
CA GLU A 365 -16.94 -12.75 -34.23
C GLU A 365 -18.23 -12.84 -35.04
N LYS A 366 -18.93 -13.94 -34.85
CA LYS A 366 -20.18 -14.19 -35.54
C LYS A 366 -21.29 -13.45 -34.77
N MET A 367 -21.20 -12.13 -34.73
CA MET A 367 -22.19 -11.32 -34.03
C MET A 367 -21.88 -9.85 -34.13
N ASP A 368 -22.64 -9.11 -34.93
CA ASP A 368 -22.44 -7.67 -35.02
C ASP A 368 -23.58 -7.13 -34.14
N MET A 369 -23.41 -5.92 -33.61
CA MET A 369 -24.42 -5.34 -32.71
C MET A 369 -24.17 -3.88 -32.36
N ARG A 370 -25.12 -3.30 -31.63
CA ARG A 370 -25.04 -1.89 -31.22
C ARG A 370 -24.98 -1.75 -29.72
N GLU A 371 -24.20 -0.77 -29.27
CA GLU A 371 -24.06 -0.53 -27.85
C GLU A 371 -25.41 -0.52 -27.15
N PRO A 372 -25.47 -0.99 -25.90
CA PRO A 372 -26.71 -1.01 -25.12
C PRO A 372 -27.14 0.42 -24.82
N GLN A 373 -28.03 0.60 -23.85
CA GLN A 373 -28.49 1.94 -23.50
C GLN A 373 -29.33 1.93 -22.22
N CYS A 374 -29.57 0.73 -21.70
CA CYS A 374 -30.35 0.53 -20.49
C CYS A 374 -30.13 -0.91 -20.02
N VAL A 375 -30.65 -1.27 -18.85
CA VAL A 375 -30.47 -2.64 -18.38
C VAL A 375 -31.07 -3.61 -19.39
N ASP A 376 -32.10 -3.18 -20.11
CA ASP A 376 -32.76 -4.06 -21.06
C ASP A 376 -31.95 -4.34 -22.30
N ASP A 377 -31.34 -3.32 -22.89
CA ASP A 377 -30.52 -3.53 -24.09
C ASP A 377 -29.46 -4.59 -23.77
N VAL A 378 -28.93 -4.50 -22.55
CA VAL A 378 -27.90 -5.41 -22.07
C VAL A 378 -28.46 -6.83 -21.91
N LEU A 379 -29.66 -6.94 -21.33
CA LEU A 379 -30.30 -8.23 -21.13
C LEU A 379 -30.57 -8.94 -22.45
N SER A 380 -30.84 -8.14 -23.49
CA SER A 380 -31.11 -8.68 -24.82
C SER A 380 -29.86 -9.20 -25.52
N VAL A 381 -28.75 -8.45 -25.41
CA VAL A 381 -27.48 -8.85 -26.03
C VAL A 381 -26.97 -10.12 -25.36
N ASP A 382 -27.32 -10.27 -24.08
CA ASP A 382 -26.93 -11.42 -23.29
C ASP A 382 -27.62 -12.68 -23.82
N ALA A 383 -28.94 -12.67 -23.83
CA ALA A 383 -29.71 -13.81 -24.33
C ALA A 383 -29.42 -14.11 -25.81
N ASN A 384 -28.93 -13.10 -26.52
CA ASN A 384 -28.59 -13.19 -27.94
C ASN A 384 -27.28 -13.93 -28.14
N ALA A 385 -26.29 -13.57 -27.34
CA ALA A 385 -24.98 -14.21 -27.43
C ALA A 385 -25.07 -15.60 -26.81
N ARG A 386 -25.96 -15.75 -25.81
CA ARG A 386 -26.15 -17.04 -25.17
C ARG A 386 -26.68 -18.01 -26.22
N GLU A 387 -27.44 -17.46 -27.17
CA GLU A 387 -28.00 -18.29 -28.21
C GLU A 387 -26.95 -18.62 -29.25
N VAL A 388 -26.08 -17.67 -29.56
CA VAL A 388 -25.03 -17.91 -30.55
C VAL A 388 -23.98 -18.90 -30.02
N ALA A 389 -23.91 -19.01 -28.69
CA ALA A 389 -22.97 -19.90 -28.01
C ALA A 389 -23.60 -21.28 -27.85
N ARG A 390 -24.82 -21.30 -27.35
CA ARG A 390 -25.57 -22.53 -27.14
C ARG A 390 -25.57 -23.32 -28.44
N LYS A 391 -25.61 -22.60 -29.55
CA LYS A 391 -25.64 -23.20 -30.88
C LYS A 391 -24.22 -23.55 -31.36
N GLU A 392 -23.23 -22.77 -30.94
CA GLU A 392 -21.86 -23.05 -31.34
C GLU A 392 -21.29 -24.25 -30.58
N VAL A 393 -21.81 -24.54 -29.39
CA VAL A 393 -21.36 -25.68 -28.60
C VAL A 393 -21.79 -26.94 -29.34
N MET A 394 -22.99 -26.86 -29.92
CA MET A 394 -23.56 -27.97 -30.67
C MET A 394 -22.74 -28.31 -31.92
N ARG A 395 -22.25 -27.31 -32.62
CA ARG A 395 -21.45 -27.56 -33.82
C ARG A 395 -20.17 -28.34 -33.44
N LEU A 396 -20.07 -28.77 -32.18
CA LEU A 396 -18.90 -29.52 -31.71
C LEU A 396 -19.20 -30.87 -31.03
N ALA A 397 -20.47 -31.12 -30.72
CA ALA A 397 -20.87 -32.39 -30.09
C ALA A 397 -21.45 -33.38 -31.11
N MET B 1 3.64 26.41 -6.11
CA MET B 1 5.12 26.58 -6.21
C MET B 1 5.76 26.48 -4.82
N LYS B 2 6.19 25.28 -4.46
CA LYS B 2 6.83 25.03 -3.16
C LYS B 2 8.25 25.59 -3.15
N GLN B 3 8.65 26.22 -2.06
CA GLN B 3 9.98 26.78 -1.97
C GLN B 3 10.73 26.09 -0.86
N LEU B 4 11.96 25.64 -1.12
CA LEU B 4 12.70 24.97 -0.06
C LEU B 4 14.12 25.35 0.25
N THR B 5 14.54 24.87 1.41
CA THR B 5 15.89 25.03 1.94
C THR B 5 16.40 23.59 2.08
N ILE B 6 17.59 23.32 1.54
CA ILE B 6 18.13 21.99 1.65
C ILE B 6 19.31 22.06 2.61
N LEU B 7 19.21 21.35 3.73
CA LEU B 7 20.29 21.31 4.72
C LEU B 7 21.21 20.10 4.40
N GLY B 8 22.41 20.37 3.91
CA GLY B 8 23.34 19.32 3.54
C GLY B 8 23.17 18.99 2.07
N SER B 9 23.18 20.03 1.24
CA SER B 9 22.96 19.94 -0.20
C SER B 9 23.99 19.22 -1.04
N THR B 10 25.25 19.22 -0.60
CA THR B 10 26.31 18.58 -1.37
C THR B 10 26.37 17.06 -1.16
N GLY B 11 25.65 16.59 -0.16
CA GLY B 11 25.63 15.16 0.14
C GLY B 11 24.80 14.36 -0.83
N SER B 12 24.81 13.05 -0.64
CA SER B 12 24.06 12.13 -1.50
C SER B 12 22.59 12.52 -1.59
N ILE B 13 21.93 12.51 -0.44
CA ILE B 13 20.52 12.85 -0.39
C ILE B 13 20.30 14.26 -0.95
N GLY B 14 21.30 15.11 -0.83
CA GLY B 14 21.15 16.46 -1.35
C GLY B 14 21.06 16.50 -2.88
N CYS B 15 21.99 15.82 -3.54
CA CYS B 15 22.04 15.79 -5.00
C CYS B 15 20.78 15.20 -5.62
N SER B 16 20.23 14.17 -4.98
CA SER B 16 19.01 13.53 -5.46
C SER B 16 17.84 14.49 -5.31
N THR B 17 17.81 15.27 -4.22
CA THR B 17 16.74 16.23 -3.98
C THR B 17 16.79 17.33 -5.04
N LEU B 18 18.01 17.70 -5.42
CA LEU B 18 18.24 18.73 -6.45
C LEU B 18 17.93 18.18 -7.85
N ASP B 19 18.05 16.87 -8.00
CA ASP B 19 17.74 16.19 -9.25
C ASP B 19 16.20 16.14 -9.37
N VAL B 20 15.50 16.07 -8.25
CA VAL B 20 14.04 16.07 -8.27
C VAL B 20 13.54 17.49 -8.63
N VAL B 21 14.24 18.52 -8.14
CA VAL B 21 13.87 19.91 -8.42
C VAL B 21 14.25 20.25 -9.87
N ARG B 22 15.26 19.57 -10.36
CA ARG B 22 15.75 19.76 -11.72
C ARG B 22 14.77 19.25 -12.80
N HIS B 23 14.04 18.18 -12.49
CA HIS B 23 13.06 17.58 -13.42
C HIS B 23 11.64 18.15 -13.25
N ASN B 24 11.41 18.85 -12.14
CA ASN B 24 10.12 19.47 -11.82
C ASN B 24 10.32 20.93 -11.39
N PRO B 25 11.00 21.73 -12.24
CA PRO B 25 11.27 23.13 -11.94
C PRO B 25 10.00 23.97 -11.85
N GLU B 26 8.88 23.34 -12.20
CA GLU B 26 7.58 24.02 -12.15
C GLU B 26 6.99 23.99 -10.73
N HIS B 27 7.25 22.93 -9.97
CA HIS B 27 6.69 22.83 -8.62
C HIS B 27 7.65 23.26 -7.51
N PHE B 28 8.96 23.24 -7.77
CA PHE B 28 9.94 23.58 -6.73
C PHE B 28 10.93 24.68 -7.07
N ARG B 29 11.44 25.31 -6.01
CA ARG B 29 12.42 26.38 -6.13
C ARG B 29 13.33 26.40 -4.90
N VAL B 30 14.64 26.35 -5.13
CA VAL B 30 15.58 26.38 -4.00
C VAL B 30 15.81 27.82 -3.57
N VAL B 31 15.59 28.09 -2.29
CA VAL B 31 15.77 29.43 -1.75
C VAL B 31 17.10 29.50 -1.02
N ALA B 32 17.51 28.41 -0.38
CA ALA B 32 18.77 28.39 0.33
C ALA B 32 19.43 27.01 0.28
N LEU B 33 20.75 27.00 0.23
CA LEU B 33 21.50 25.76 0.22
C LEU B 33 22.45 25.80 1.41
N VAL B 34 22.56 24.70 2.11
CA VAL B 34 23.43 24.62 3.26
C VAL B 34 24.32 23.41 3.05
N ALA B 35 25.63 23.60 3.07
CA ALA B 35 26.53 22.48 2.88
C ALA B 35 27.63 22.49 3.93
N GLY B 36 28.49 21.48 3.90
CA GLY B 36 29.55 21.39 4.87
C GLY B 36 30.70 22.25 4.41
N LYS B 37 31.77 21.62 3.93
CA LYS B 37 32.92 22.36 3.48
C LYS B 37 33.22 22.13 2.02
N ASN B 38 32.38 21.33 1.34
CA ASN B 38 32.56 21.04 -0.08
C ASN B 38 32.14 22.26 -0.89
N VAL B 39 33.04 23.23 -0.98
CA VAL B 39 32.84 24.48 -1.69
C VAL B 39 32.63 24.21 -3.18
N THR B 40 33.44 23.29 -3.69
CA THR B 40 33.45 22.88 -5.09
C THR B 40 32.08 22.50 -5.66
N ARG B 41 31.44 21.52 -5.03
CA ARG B 41 30.13 21.06 -5.47
C ARG B 41 29.04 22.11 -5.28
N MET B 42 29.19 22.91 -4.21
CA MET B 42 28.23 23.97 -3.87
C MET B 42 28.15 25.06 -4.92
N VAL B 43 29.30 25.40 -5.50
CA VAL B 43 29.34 26.43 -6.53
C VAL B 43 28.45 25.98 -7.68
N GLU B 44 28.68 24.74 -8.13
CA GLU B 44 27.93 24.16 -9.22
C GLU B 44 26.42 24.26 -8.93
N GLN B 45 26.01 23.78 -7.75
CA GLN B 45 24.60 23.81 -7.35
C GLN B 45 24.11 25.25 -7.27
N CYS B 46 24.86 26.13 -6.62
CA CYS B 46 24.47 27.52 -6.51
C CYS B 46 24.34 28.16 -7.88
N LEU B 47 25.20 27.72 -8.80
CA LEU B 47 25.16 28.26 -10.15
C LEU B 47 23.97 27.73 -10.96
N GLU B 48 23.57 26.48 -10.71
CA GLU B 48 22.44 25.90 -11.41
C GLU B 48 21.08 26.32 -10.84
N PHE B 49 20.88 26.13 -9.54
CA PHE B 49 19.62 26.46 -8.88
C PHE B 49 19.53 27.87 -8.29
N SER B 50 20.63 28.60 -8.41
CA SER B 50 20.74 29.99 -7.93
C SER B 50 19.86 30.38 -6.76
N PRO B 51 20.13 29.81 -5.58
CA PRO B 51 19.32 30.14 -4.41
C PRO B 51 19.59 31.59 -4.01
N ARG B 52 18.96 32.01 -2.92
CA ARG B 52 19.17 33.35 -2.39
C ARG B 52 20.28 33.28 -1.39
N TYR B 53 20.50 32.10 -0.81
CA TYR B 53 21.55 31.91 0.17
C TYR B 53 22.29 30.60 0.00
N ALA B 54 23.55 30.60 0.43
CA ALA B 54 24.40 29.43 0.40
C ALA B 54 25.10 29.55 1.74
N VAL B 55 25.18 28.47 2.50
CA VAL B 55 25.81 28.51 3.82
C VAL B 55 26.83 27.40 3.90
N MET B 56 27.95 27.69 4.56
CA MET B 56 29.01 26.72 4.71
C MET B 56 29.36 26.60 6.18
N ASP B 57 30.01 25.49 6.51
CA ASP B 57 30.43 25.22 7.88
C ASP B 57 31.20 26.42 8.43
N ASP B 58 32.40 26.67 7.90
CA ASP B 58 33.24 27.79 8.38
C ASP B 58 33.37 28.99 7.45
N GLU B 59 34.03 30.05 7.94
CA GLU B 59 34.21 31.26 7.15
C GLU B 59 35.28 31.01 6.11
N ALA B 60 36.19 30.08 6.41
CA ALA B 60 37.22 29.76 5.45
C ALA B 60 36.52 29.32 4.17
N SER B 61 35.70 28.28 4.29
CA SER B 61 34.96 27.74 3.15
C SER B 61 34.03 28.78 2.54
N ALA B 62 33.47 29.64 3.39
CA ALA B 62 32.56 30.69 2.96
C ALA B 62 33.23 31.78 2.13
N LYS B 63 34.37 32.30 2.59
CA LYS B 63 35.10 33.33 1.87
C LYS B 63 35.55 32.78 0.50
N LEU B 64 35.85 31.48 0.47
CA LEU B 64 36.28 30.81 -0.77
C LEU B 64 35.10 30.70 -1.72
N LEU B 65 33.93 30.34 -1.19
CA LEU B 65 32.74 30.21 -2.02
C LEU B 65 32.27 31.57 -2.50
N LYS B 66 32.46 32.63 -1.71
CA LYS B 66 32.04 33.98 -2.12
C LYS B 66 32.89 34.35 -3.34
N THR B 67 34.16 33.95 -3.29
CA THR B 67 35.11 34.24 -4.37
C THR B 67 34.78 33.49 -5.65
N MET B 68 34.68 32.18 -5.58
CA MET B 68 34.38 31.38 -6.77
C MET B 68 33.04 31.73 -7.40
N LEU B 69 32.04 32.05 -6.56
CA LEU B 69 30.71 32.45 -7.03
C LEU B 69 30.80 33.87 -7.61
N GLN B 70 31.68 34.67 -7.02
CA GLN B 70 31.93 36.06 -7.45
C GLN B 70 32.38 36.02 -8.93
N GLN B 71 33.33 35.12 -9.22
CA GLN B 71 33.86 34.91 -10.56
C GLN B 71 32.70 34.69 -11.55
N GLN B 72 31.92 33.63 -11.30
CA GLN B 72 30.80 33.26 -12.16
C GLN B 72 29.65 34.26 -12.16
N GLY B 73 29.79 35.31 -11.36
CA GLY B 73 28.74 36.31 -11.27
C GLY B 73 27.43 35.73 -10.77
N SER B 74 27.43 35.25 -9.52
CA SER B 74 26.24 34.66 -8.92
C SER B 74 25.77 35.60 -7.82
N ARG B 75 24.49 35.94 -7.84
CA ARG B 75 23.92 36.85 -6.85
C ARG B 75 23.74 36.15 -5.50
N THR B 76 23.96 34.83 -5.46
CA THR B 76 23.80 34.05 -4.23
C THR B 76 24.60 34.61 -3.03
N GLU B 77 23.92 34.95 -1.95
CA GLU B 77 24.57 35.50 -0.77
C GLU B 77 25.12 34.39 0.11
N VAL B 78 26.44 34.43 0.33
CA VAL B 78 27.10 33.42 1.15
C VAL B 78 27.25 33.81 2.63
N LEU B 79 26.84 32.87 3.50
CA LEU B 79 26.91 33.02 4.95
C LEU B 79 27.60 31.78 5.53
N SER B 80 27.69 31.70 6.85
CA SER B 80 28.31 30.52 7.42
C SER B 80 27.92 30.30 8.87
N GLY B 81 28.34 29.16 9.40
CA GLY B 81 28.05 28.82 10.78
C GLY B 81 26.73 28.12 10.97
N GLN B 82 26.53 27.60 12.17
CA GLN B 82 25.30 26.89 12.51
C GLN B 82 24.11 27.82 12.59
N GLN B 83 24.31 29.01 13.14
CA GLN B 83 23.20 29.93 13.26
C GLN B 83 22.62 30.22 11.88
N ALA B 84 23.50 30.39 10.90
CA ALA B 84 23.05 30.65 9.54
C ALA B 84 22.11 29.52 9.09
N ALA B 85 22.54 28.27 9.31
CA ALA B 85 21.75 27.11 8.93
C ALA B 85 20.35 27.09 9.57
N CYS B 86 20.28 27.37 10.87
CA CYS B 86 19.02 27.40 11.60
C CYS B 86 18.17 28.49 10.99
N ASP B 87 18.79 29.61 10.64
CA ASP B 87 18.09 30.74 10.04
C ASP B 87 17.56 30.39 8.65
N MET B 88 18.25 29.46 7.98
CA MET B 88 17.88 29.05 6.63
C MET B 88 16.70 28.09 6.68
N ALA B 89 16.65 27.31 7.77
CA ALA B 89 15.57 26.35 7.99
C ALA B 89 14.28 27.06 8.41
N ALA B 90 14.43 28.22 9.04
CA ALA B 90 13.29 28.99 9.52
C ALA B 90 12.89 30.15 8.61
N LEU B 91 13.58 30.31 7.49
CA LEU B 91 13.27 31.40 6.56
C LEU B 91 11.77 31.58 6.46
N GLU B 92 11.34 32.83 6.37
CA GLU B 92 9.93 33.15 6.29
C GLU B 92 9.22 32.42 5.15
N ASP B 93 9.48 32.84 3.92
CA ASP B 93 8.86 32.28 2.71
C ASP B 93 9.29 30.89 2.20
N VAL B 94 9.99 30.13 3.05
CA VAL B 94 10.42 28.79 2.70
C VAL B 94 9.28 27.86 3.15
N ASP B 95 8.89 26.93 2.28
CA ASP B 95 7.82 25.99 2.58
C ASP B 95 8.33 24.65 3.16
N GLN B 96 9.27 24.01 2.47
CA GLN B 96 9.81 22.71 2.92
C GLN B 96 11.28 22.83 3.25
N VAL B 97 11.77 21.91 4.07
CA VAL B 97 13.17 21.89 4.44
C VAL B 97 13.67 20.46 4.40
N MET B 98 14.71 20.23 3.61
CA MET B 98 15.29 18.90 3.52
C MET B 98 16.35 18.82 4.63
N ALA B 99 15.97 18.22 5.76
CA ALA B 99 16.88 18.08 6.90
C ALA B 99 17.83 16.94 6.59
N ALA B 100 18.77 17.19 5.68
CA ALA B 100 19.74 16.18 5.25
C ALA B 100 21.12 16.25 5.89
N ILE B 101 21.30 17.14 6.87
CA ILE B 101 22.57 17.25 7.58
C ILE B 101 22.53 16.17 8.63
N VAL B 102 23.55 15.32 8.65
CA VAL B 102 23.60 14.23 9.60
C VAL B 102 24.63 14.49 10.67
N GLY B 103 24.47 13.75 11.77
CA GLY B 103 25.36 13.90 12.91
C GLY B 103 24.71 14.80 13.94
N ALA B 104 25.50 15.35 14.85
CA ALA B 104 24.96 16.24 15.85
C ALA B 104 24.76 17.58 15.15
N ALA B 105 25.54 17.77 14.09
CA ALA B 105 25.49 18.98 13.30
C ALA B 105 24.13 19.33 12.78
N GLY B 106 23.26 18.33 12.66
CA GLY B 106 21.93 18.59 12.12
C GLY B 106 20.76 18.66 13.08
N LEU B 107 21.04 18.60 14.37
CA LEU B 107 19.98 18.66 15.38
C LEU B 107 19.32 20.03 15.53
N LEU B 108 20.11 21.10 15.58
CA LEU B 108 19.51 22.42 15.73
C LEU B 108 18.83 22.95 14.45
N PRO B 109 19.47 22.77 13.28
CA PRO B 109 18.83 23.27 12.05
C PRO B 109 17.52 22.57 11.77
N THR B 110 17.43 21.31 12.15
CA THR B 110 16.21 20.53 11.96
C THR B 110 15.17 21.00 12.96
N LEU B 111 15.63 21.19 14.19
CA LEU B 111 14.79 21.66 15.28
C LEU B 111 14.25 23.07 15.01
N ALA B 112 15.03 23.87 14.28
CA ALA B 112 14.67 25.24 13.93
C ALA B 112 13.58 25.24 12.86
N ALA B 113 13.67 24.26 11.96
CA ALA B 113 12.70 24.13 10.88
C ALA B 113 11.39 23.72 11.50
N ILE B 114 11.48 22.84 12.50
CA ILE B 114 10.31 22.33 13.23
C ILE B 114 9.59 23.46 14.00
N ARG B 115 10.31 24.09 14.94
CA ARG B 115 9.79 25.18 15.77
C ARG B 115 9.08 26.23 14.91
N ALA B 116 9.55 26.38 13.67
CA ALA B 116 9.01 27.33 12.71
C ALA B 116 7.78 26.78 11.98
N GLY B 117 7.34 25.58 12.33
CA GLY B 117 6.18 24.96 11.72
C GLY B 117 6.28 24.60 10.25
N LYS B 118 7.50 24.45 9.76
CA LYS B 118 7.77 24.12 8.35
C LYS B 118 7.37 22.67 8.06
N THR B 119 7.40 22.29 6.78
CA THR B 119 7.12 20.91 6.39
C THR B 119 8.54 20.33 6.35
N ILE B 120 8.79 19.31 7.16
CA ILE B 120 10.13 18.73 7.23
C ILE B 120 10.31 17.39 6.52
N LEU B 121 11.14 17.40 5.47
CA LEU B 121 11.47 16.18 4.75
C LEU B 121 12.64 15.64 5.60
N LEU B 122 12.31 14.79 6.55
CA LEU B 122 13.28 14.24 7.47
C LEU B 122 14.25 13.23 6.85
N ALA B 123 15.50 13.64 6.69
CA ALA B 123 16.51 12.79 6.10
C ALA B 123 17.76 12.67 6.97
N ASN B 124 17.56 12.30 8.23
CA ASN B 124 18.66 12.05 9.17
C ASN B 124 18.12 11.30 10.39
N LYS B 125 18.91 10.35 10.86
CA LYS B 125 18.53 9.54 12.00
C LYS B 125 18.70 10.22 13.35
N GLU B 126 19.83 10.91 13.54
CA GLU B 126 20.12 11.59 14.80
C GLU B 126 18.90 12.30 15.36
N SER B 127 18.20 13.03 14.49
CA SER B 127 17.01 13.74 14.92
C SER B 127 16.16 12.96 15.89
N LEU B 128 15.60 11.82 15.46
CA LEU B 128 14.73 11.02 16.32
C LEU B 128 15.43 9.94 17.16
N VAL B 129 16.66 9.60 16.81
CA VAL B 129 17.40 8.58 17.56
C VAL B 129 17.91 9.14 18.89
N THR B 130 18.24 10.42 18.91
CA THR B 130 18.76 11.06 20.12
C THR B 130 17.70 11.93 20.82
N CYS B 131 17.09 12.86 20.08
CA CYS B 131 16.10 13.76 20.66
C CYS B 131 14.65 13.43 20.26
N GLY B 132 14.28 12.15 20.27
CA GLY B 132 12.93 11.76 19.89
C GLY B 132 11.85 12.48 20.68
N ARG B 133 11.98 12.45 21.99
CA ARG B 133 11.01 13.09 22.88
C ARG B 133 10.92 14.59 22.62
N LEU B 134 12.06 15.26 22.61
CA LEU B 134 12.10 16.70 22.41
C LEU B 134 11.53 17.13 21.06
N PHE B 135 12.03 16.53 19.98
CA PHE B 135 11.58 16.85 18.62
C PHE B 135 10.09 16.66 18.37
N MET B 136 9.53 15.53 18.81
CA MET B 136 8.10 15.25 18.61
C MET B 136 7.18 16.21 19.37
N ASP B 137 7.64 16.71 20.51
CA ASP B 137 6.84 17.66 21.27
C ASP B 137 6.90 18.98 20.55
N ALA B 138 8.07 19.29 19.98
CA ALA B 138 8.26 20.54 19.24
C ALA B 138 7.31 20.59 18.07
N VAL B 139 7.13 19.42 17.43
CA VAL B 139 6.24 19.25 16.27
C VAL B 139 4.80 19.51 16.69
N LYS B 140 4.43 18.89 17.80
CA LYS B 140 3.08 19.03 18.35
C LYS B 140 2.71 20.50 18.45
N GLN B 141 3.58 21.29 19.06
CA GLN B 141 3.35 22.73 19.27
C GLN B 141 3.31 23.55 18.00
N SER B 142 4.29 23.35 17.14
CA SER B 142 4.41 24.09 15.89
C SER B 142 3.50 23.57 14.81
N LYS B 143 3.11 22.31 14.92
CA LYS B 143 2.23 21.68 13.94
C LYS B 143 2.97 21.66 12.60
N ALA B 144 4.21 21.18 12.65
CA ALA B 144 5.03 21.07 11.48
C ALA B 144 4.78 19.69 10.92
N GLN B 145 4.72 19.60 9.60
CA GLN B 145 4.49 18.34 8.90
C GLN B 145 5.78 17.54 8.68
N LEU B 146 5.98 16.48 9.46
CA LEU B 146 7.15 15.63 9.26
C LEU B 146 6.80 14.64 8.14
N LEU B 147 7.74 14.48 7.21
CA LEU B 147 7.61 13.57 6.08
C LEU B 147 8.93 12.77 6.04
N PRO B 148 8.91 11.50 6.50
CA PRO B 148 10.17 10.75 6.48
C PRO B 148 10.67 10.52 5.06
N VAL B 149 11.99 10.67 4.88
CA VAL B 149 12.63 10.51 3.58
C VAL B 149 13.37 9.18 3.46
N ASP B 150 13.78 8.63 4.59
CA ASP B 150 14.47 7.35 4.61
C ASP B 150 13.54 6.27 4.06
N SER B 151 14.05 5.44 3.15
CA SER B 151 13.31 4.38 2.48
C SER B 151 12.22 3.66 3.26
N GLU B 152 12.59 3.01 4.38
CA GLU B 152 11.64 2.26 5.22
C GLU B 152 10.52 3.09 5.88
N HIS B 153 10.87 4.21 6.49
CA HIS B 153 9.88 5.06 7.13
C HIS B 153 8.97 5.69 6.09
N ASN B 154 9.53 6.03 4.95
CA ASN B 154 8.73 6.60 3.88
C ASN B 154 7.69 5.53 3.47
N ALA B 155 8.15 4.29 3.34
CA ALA B 155 7.28 3.18 2.97
C ALA B 155 6.14 3.07 3.97
N ILE B 156 6.47 3.04 5.27
CA ILE B 156 5.47 2.97 6.31
C ILE B 156 4.54 4.22 6.27
N PHE B 157 5.07 5.39 5.93
CA PHE B 157 4.25 6.60 5.84
C PHE B 157 3.24 6.50 4.70
N GLN B 158 3.70 6.02 3.54
CA GLN B 158 2.81 5.86 2.37
C GLN B 158 1.75 4.80 2.62
N SER B 159 2.03 3.87 3.54
CA SER B 159 1.10 2.78 3.86
C SER B 159 0.14 3.06 5.04
N LEU B 160 0.27 4.24 5.66
CA LEU B 160 -0.58 4.64 6.79
C LEU B 160 -1.80 5.40 6.29
N PRO B 161 -2.86 5.47 7.10
CA PRO B 161 -4.09 6.17 6.73
C PRO B 161 -3.86 7.68 6.70
N GLN B 162 -4.67 8.41 5.95
CA GLN B 162 -4.48 9.85 5.87
C GLN B 162 -4.59 10.58 7.19
N PRO B 163 -5.57 10.25 8.04
CA PRO B 163 -5.57 11.02 9.29
C PRO B 163 -4.31 10.85 10.14
N ILE B 164 -3.57 9.75 9.96
CA ILE B 164 -2.32 9.60 10.71
C ILE B 164 -1.20 10.33 9.96
N GLN B 165 -1.32 10.43 8.65
CA GLN B 165 -0.32 11.12 7.82
C GLN B 165 -0.22 12.62 8.07
N HIS B 166 -1.36 13.26 8.37
CA HIS B 166 -1.43 14.69 8.64
C HIS B 166 -1.19 15.10 10.09
N ASN B 167 -1.17 14.11 10.98
CA ASN B 167 -0.91 14.32 12.40
C ASN B 167 0.20 13.36 12.77
N LEU B 168 1.36 13.53 12.14
CA LEU B 168 2.47 12.62 12.38
C LEU B 168 3.16 12.75 13.71
N GLY B 169 3.07 11.71 14.52
CA GLY B 169 3.74 11.71 15.81
C GLY B 169 2.79 11.94 16.95
N TYR B 170 1.63 12.48 16.63
CA TYR B 170 0.59 12.75 17.62
C TYR B 170 -0.73 12.17 17.14
N ALA B 171 -0.67 10.98 16.54
CA ALA B 171 -1.85 10.31 16.04
C ALA B 171 -1.92 8.95 16.70
N ASP B 172 -3.12 8.46 16.90
CA ASP B 172 -3.27 7.16 17.51
C ASP B 172 -3.35 6.11 16.42
N LEU B 173 -2.42 5.17 16.47
CA LEU B 173 -2.38 4.10 15.50
C LEU B 173 -3.64 3.25 15.61
N GLU B 174 -3.83 2.64 16.76
CA GLU B 174 -4.97 1.78 17.01
C GLU B 174 -6.30 2.50 16.72
N GLN B 175 -6.42 3.76 17.11
CA GLN B 175 -7.66 4.48 16.86
C GLN B 175 -7.98 4.57 15.38
N ASN B 176 -6.97 4.53 14.51
CA ASN B 176 -7.21 4.59 13.06
C ASN B 176 -7.16 3.23 12.34
N GLY B 177 -7.31 2.15 13.08
CA GLY B 177 -7.31 0.82 12.48
C GLY B 177 -5.96 0.20 12.20
N VAL B 178 -4.89 0.75 12.78
CA VAL B 178 -3.55 0.20 12.59
C VAL B 178 -3.26 -0.76 13.72
N VAL B 179 -2.90 -1.99 13.35
CA VAL B 179 -2.58 -3.03 14.31
C VAL B 179 -1.11 -2.93 14.67
N SER B 180 -0.28 -2.76 13.64
CA SER B 180 1.17 -2.66 13.83
C SER B 180 1.87 -2.17 12.58
N ILE B 181 3.15 -1.84 12.73
CA ILE B 181 4.00 -1.33 11.65
C ILE B 181 5.11 -2.32 11.35
N LEU B 182 5.13 -2.82 10.12
CA LEU B 182 6.15 -3.79 9.71
C LEU B 182 7.37 -3.12 9.12
N LEU B 183 8.42 -3.11 9.92
CA LEU B 183 9.69 -2.53 9.54
C LEU B 183 10.53 -3.68 8.98
N THR B 184 10.88 -3.56 7.71
CA THR B 184 11.65 -4.57 6.98
C THR B 184 13.10 -4.18 6.72
N GLY B 185 13.98 -5.17 6.66
CA GLY B 185 15.39 -4.90 6.40
C GLY B 185 16.01 -6.09 5.69
N SER B 186 17.04 -5.87 4.87
CA SER B 186 17.68 -6.97 4.14
C SER B 186 18.21 -8.10 5.06
N GLY B 187 18.75 -7.74 6.21
CA GLY B 187 19.28 -8.74 7.12
C GLY B 187 20.80 -8.68 7.04
N GLY B 188 21.28 -7.83 6.14
CA GLY B 188 22.69 -7.65 5.95
C GLY B 188 23.40 -8.77 5.22
N PRO B 189 24.70 -8.57 4.89
CA PRO B 189 25.60 -9.49 4.18
C PRO B 189 25.93 -10.82 4.84
N PHE B 190 25.92 -10.87 6.16
CA PHE B 190 26.25 -12.10 6.85
C PHE B 190 24.95 -12.78 7.31
N ARG B 191 23.88 -12.56 6.56
CA ARG B 191 22.58 -13.11 6.93
C ARG B 191 22.60 -14.62 6.99
N GLU B 192 23.41 -15.23 6.11
CA GLU B 192 23.49 -16.68 6.03
C GLU B 192 24.76 -17.36 6.57
N THR B 193 25.71 -16.56 7.05
CA THR B 193 26.95 -17.10 7.60
C THR B 193 26.61 -17.80 8.92
N PRO B 194 27.06 -19.07 9.09
CA PRO B 194 26.76 -19.77 10.35
C PRO B 194 27.25 -18.90 11.53
N LEU B 195 26.48 -18.88 12.61
CA LEU B 195 26.83 -18.06 13.78
C LEU B 195 28.28 -18.13 14.21
N ARG B 196 28.74 -19.31 14.63
CA ARG B 196 30.13 -19.50 15.04
C ARG B 196 30.92 -19.36 13.74
N ASP B 197 31.15 -18.11 13.34
CA ASP B 197 31.85 -17.81 12.10
C ASP B 197 31.79 -16.30 11.92
N LEU B 198 30.91 -15.67 12.70
CA LEU B 198 30.71 -14.23 12.62
C LEU B 198 31.84 -13.46 13.27
N ALA B 199 32.53 -14.12 14.22
CA ALA B 199 33.66 -13.51 14.92
C ALA B 199 34.83 -13.28 13.96
N THR B 200 34.89 -14.10 12.92
CA THR B 200 35.97 -14.05 11.95
C THR B 200 35.64 -13.28 10.68
N MET B 201 34.75 -12.31 10.77
CA MET B 201 34.38 -11.54 9.58
C MET B 201 35.25 -10.30 9.43
N THR B 202 35.63 -9.99 8.19
CA THR B 202 36.49 -8.85 7.89
C THR B 202 35.78 -7.73 7.15
N PRO B 203 36.32 -6.50 7.23
CA PRO B 203 35.80 -5.28 6.60
C PRO B 203 35.60 -5.41 5.10
N ASP B 204 36.40 -6.26 4.47
CA ASP B 204 36.32 -6.48 3.04
C ASP B 204 35.17 -7.45 2.73
N GLN B 205 34.71 -8.15 3.76
CA GLN B 205 33.60 -9.10 3.65
C GLN B 205 32.27 -8.38 3.84
N ALA B 206 32.32 -7.06 4.05
CA ALA B 206 31.13 -6.25 4.24
C ALA B 206 31.34 -4.91 3.53
N CYS B 207 31.35 -4.95 2.20
CA CYS B 207 31.54 -3.73 1.39
C CYS B 207 30.26 -2.93 1.19
N ARG B 216 30.30 1.43 3.50
CA ARG B 216 31.30 1.44 4.57
C ARG B 216 30.67 1.26 5.95
N LYS B 217 30.38 2.36 6.64
CA LYS B 217 29.75 2.30 7.97
C LYS B 217 28.33 1.77 7.87
N ILE B 218 27.62 2.19 6.82
CA ILE B 218 26.23 1.78 6.60
C ILE B 218 26.16 0.28 6.31
N SER B 219 27.22 -0.24 5.69
CA SER B 219 27.35 -1.65 5.31
C SER B 219 27.53 -2.55 6.53
N VAL B 220 28.22 -2.02 7.55
CA VAL B 220 28.49 -2.74 8.79
C VAL B 220 27.26 -2.69 9.70
N ASP B 221 26.54 -1.57 9.66
CA ASP B 221 25.32 -1.40 10.47
C ASP B 221 24.21 -2.28 9.90
N SER B 222 24.36 -2.61 8.63
CA SER B 222 23.43 -3.46 7.94
C SER B 222 23.73 -4.89 8.38
N ALA B 223 25.01 -5.22 8.41
CA ALA B 223 25.45 -6.54 8.80
C ALA B 223 25.07 -6.87 10.24
N THR B 224 25.13 -5.87 11.11
CA THR B 224 24.81 -6.05 12.52
C THR B 224 23.36 -5.71 12.78
N MET B 225 22.76 -4.98 11.84
CA MET B 225 21.37 -4.50 11.90
C MET B 225 21.14 -3.53 13.04
N MET B 226 22.17 -2.72 13.29
CA MET B 226 22.16 -1.68 14.30
C MET B 226 21.39 -0.55 13.60
N ASN B 227 21.37 -0.64 12.28
CA ASN B 227 20.69 0.32 11.41
C ASN B 227 19.19 0.12 11.57
N LYS B 228 18.77 -1.14 11.47
CA LYS B 228 17.37 -1.49 11.62
C LYS B 228 16.99 -1.13 13.05
N GLY B 229 17.84 -1.45 14.01
CA GLY B 229 17.54 -1.11 15.40
C GLY B 229 17.34 0.38 15.57
N LEU B 230 18.19 1.16 14.93
CA LEU B 230 18.09 2.62 15.00
C LEU B 230 16.79 3.07 14.36
N GLU B 231 16.34 2.31 13.35
CA GLU B 231 15.11 2.60 12.63
C GLU B 231 13.88 2.19 13.43
N TYR B 232 14.05 1.26 14.36
CA TYR B 232 12.97 0.81 15.23
C TYR B 232 12.75 2.01 16.16
N ILE B 233 13.85 2.53 16.71
CA ILE B 233 13.79 3.70 17.59
C ILE B 233 13.01 4.88 16.96
N GLU B 234 13.47 5.36 15.80
CA GLU B 234 12.81 6.47 15.11
C GLU B 234 11.34 6.21 14.82
N ALA B 235 11.07 5.00 14.33
CA ALA B 235 9.72 4.59 13.96
C ALA B 235 8.74 4.79 15.10
N ARG B 236 9.15 4.37 16.29
CA ARG B 236 8.33 4.49 17.49
C ARG B 236 7.95 5.93 17.76
N TRP B 237 8.92 6.81 17.63
CA TRP B 237 8.66 8.22 17.88
C TRP B 237 7.84 8.81 16.74
N LEU B 238 8.29 8.54 15.54
CA LEU B 238 7.65 9.05 14.34
C LEU B 238 6.20 8.69 14.16
N PHE B 239 5.84 7.44 14.44
CA PHE B 239 4.46 6.97 14.24
C PHE B 239 3.68 6.76 15.52
N ASN B 240 4.27 7.18 16.63
CA ASN B 240 3.67 7.02 17.94
C ASN B 240 3.17 5.59 18.13
N ALA B 241 4.12 4.66 18.04
CA ALA B 241 3.83 3.24 18.17
C ALA B 241 4.47 2.65 19.41
N SER B 242 3.83 1.62 19.96
CA SER B 242 4.34 0.92 21.15
C SER B 242 5.11 -0.30 20.64
N ALA B 243 5.88 -0.95 21.50
CA ALA B 243 6.65 -2.12 21.07
C ALA B 243 5.77 -3.23 20.49
N SER B 244 4.56 -3.36 21.00
CA SER B 244 3.64 -4.37 20.52
C SER B 244 3.08 -3.94 19.17
N GLN B 245 3.23 -2.67 18.84
CA GLN B 245 2.76 -2.15 17.55
C GLN B 245 3.92 -2.10 16.58
N MET B 246 5.00 -2.83 16.88
CA MET B 246 6.17 -2.90 16.00
C MET B 246 6.53 -4.35 15.70
N GLU B 247 6.92 -4.59 14.45
CA GLU B 247 7.35 -5.89 13.97
C GLU B 247 8.57 -5.65 13.09
N VAL B 248 9.62 -6.43 13.31
CA VAL B 248 10.82 -6.32 12.50
C VAL B 248 10.87 -7.59 11.64
N LEU B 249 10.97 -7.42 10.33
CA LEU B 249 10.97 -8.56 9.41
C LEU B 249 12.16 -8.58 8.47
N ILE B 250 12.78 -9.73 8.31
CA ILE B 250 13.88 -9.86 7.38
C ILE B 250 13.27 -10.13 5.97
N HIS B 251 13.47 -9.17 5.06
CA HIS B 251 13.03 -9.31 3.68
C HIS B 251 14.33 -9.05 2.92
N PRO B 252 15.05 -10.13 2.58
CA PRO B 252 16.34 -10.17 1.85
C PRO B 252 16.42 -9.40 0.52
N GLN B 253 15.36 -9.50 -0.29
CA GLN B 253 15.31 -8.85 -1.61
C GLN B 253 15.10 -7.35 -1.56
N SER B 254 14.51 -6.87 -0.47
CA SER B 254 14.25 -5.45 -0.26
C SER B 254 13.52 -4.70 -1.40
N VAL B 255 12.49 -5.33 -1.96
CA VAL B 255 11.67 -4.73 -3.02
C VAL B 255 10.59 -4.02 -2.25
N ILE B 256 10.09 -4.70 -1.20
CA ILE B 256 9.09 -4.14 -0.31
C ILE B 256 9.97 -3.34 0.63
N HIS B 257 9.70 -2.04 0.78
CA HIS B 257 10.49 -1.20 1.66
C HIS B 257 10.02 -1.15 3.11
N SER B 258 8.79 -1.65 3.33
CA SER B 258 8.13 -1.75 4.64
C SER B 258 6.60 -1.77 4.49
N MET B 259 5.91 -2.19 5.54
CA MET B 259 4.45 -2.32 5.52
C MET B 259 3.72 -1.85 6.78
N VAL B 260 2.39 -1.84 6.71
CA VAL B 260 1.52 -1.47 7.84
C VAL B 260 0.32 -2.43 7.91
N ARG B 261 0.17 -3.09 9.06
CA ARG B 261 -0.90 -4.06 9.32
C ARG B 261 -2.17 -3.37 9.83
N TYR B 262 -3.33 -3.81 9.33
CA TYR B 262 -4.62 -3.24 9.71
C TYR B 262 -5.57 -4.21 10.42
N GLN B 263 -6.54 -3.67 11.17
CA GLN B 263 -7.52 -4.48 11.92
C GLN B 263 -8.25 -5.56 11.13
N ASP B 264 -8.59 -5.27 9.87
CA ASP B 264 -9.33 -6.22 9.04
C ASP B 264 -8.48 -7.28 8.37
N GLY B 265 -7.18 -7.28 8.66
CA GLY B 265 -6.27 -8.25 8.06
C GLY B 265 -5.43 -7.70 6.91
N SER B 266 -5.85 -6.58 6.33
CA SER B 266 -5.12 -5.97 5.22
C SER B 266 -3.73 -5.56 5.63
N VAL B 267 -2.80 -5.68 4.69
CA VAL B 267 -1.42 -5.28 4.88
C VAL B 267 -1.12 -4.37 3.67
N LEU B 268 -0.72 -3.14 3.92
CA LEU B 268 -0.40 -2.24 2.80
C LEU B 268 1.09 -2.06 2.80
N ALA B 269 1.71 -2.12 1.61
CA ALA B 269 3.16 -2.00 1.45
C ALA B 269 3.55 -1.04 0.36
N GLN B 270 4.83 -0.65 0.34
CA GLN B 270 5.31 0.24 -0.70
C GLN B 270 6.50 -0.50 -1.29
N LEU B 271 6.51 -0.65 -2.61
CA LEU B 271 7.60 -1.33 -3.32
C LEU B 271 8.17 -0.36 -4.36
N GLY B 272 9.38 -0.64 -4.79
CA GLY B 272 10.00 0.20 -5.80
C GLY B 272 11.45 -0.17 -5.92
N GLU B 273 12.19 0.64 -6.68
CA GLU B 273 13.63 0.45 -6.89
C GLU B 273 14.41 1.09 -5.72
N PRO B 274 15.63 0.62 -5.43
CA PRO B 274 16.41 1.19 -4.33
C PRO B 274 16.74 2.69 -4.43
N ASP B 275 16.48 3.29 -5.59
CA ASP B 275 16.75 4.72 -5.82
C ASP B 275 16.10 5.60 -4.75
N MET B 276 16.87 6.56 -4.21
CA MET B 276 16.35 7.46 -3.18
C MET B 276 15.48 8.57 -3.72
N ARG B 277 15.63 8.89 -4.99
CA ARG B 277 14.82 9.92 -5.60
C ARG B 277 13.30 9.66 -5.50
N THR B 278 12.92 8.41 -5.22
CA THR B 278 11.50 8.04 -5.08
C THR B 278 10.94 8.54 -3.74
N PRO B 279 11.56 8.11 -2.62
CA PRO B 279 11.00 8.63 -1.36
C PRO B 279 11.20 10.15 -1.27
N ILE B 280 12.34 10.64 -1.74
CA ILE B 280 12.59 12.06 -1.72
C ILE B 280 11.50 12.81 -2.48
N ALA B 281 11.11 12.31 -3.65
CA ALA B 281 10.06 12.98 -4.45
C ALA B 281 8.64 12.80 -3.87
N HIS B 282 8.44 11.72 -3.13
CA HIS B 282 7.14 11.50 -2.50
C HIS B 282 6.90 12.59 -1.46
N THR B 283 7.89 12.78 -0.57
CA THR B 283 7.76 13.77 0.50
C THR B 283 7.67 15.18 -0.10
N MET B 284 8.43 15.43 -1.16
CA MET B 284 8.42 16.74 -1.80
C MET B 284 7.07 17.11 -2.44
N ALA B 285 6.51 16.19 -3.22
CA ALA B 285 5.23 16.45 -3.91
C ALA B 285 4.00 16.26 -3.02
N TRP B 286 4.15 15.49 -1.93
CA TRP B 286 3.05 15.20 -1.00
C TRP B 286 2.15 16.41 -0.78
N PRO B 287 0.81 16.21 -0.79
CA PRO B 287 0.06 14.95 -0.99
C PRO B 287 -0.12 14.49 -2.42
N ASN B 288 0.65 15.06 -3.34
CA ASN B 288 0.58 14.68 -4.73
C ASN B 288 1.86 13.92 -5.06
N ARG B 289 2.11 13.76 -6.37
CA ARG B 289 3.29 13.06 -6.86
C ARG B 289 3.95 13.86 -7.99
N VAL B 290 5.18 13.49 -8.33
CA VAL B 290 5.92 14.12 -9.41
C VAL B 290 6.77 12.99 -9.94
N ASN B 291 7.46 13.22 -11.03
CA ASN B 291 8.35 12.18 -11.55
C ASN B 291 9.66 12.47 -10.85
N SER B 292 10.35 11.42 -10.46
CA SER B 292 11.62 11.56 -9.78
C SER B 292 12.72 11.31 -10.80
N GLY B 293 12.33 10.56 -11.84
CA GLY B 293 13.23 10.16 -12.91
C GLY B 293 13.63 8.71 -12.69
N VAL B 294 12.99 8.07 -11.71
CA VAL B 294 13.27 6.70 -11.34
C VAL B 294 12.53 5.67 -12.19
N LYS B 295 13.24 4.60 -12.50
CA LYS B 295 12.75 3.48 -13.32
C LYS B 295 11.51 2.75 -12.76
N PRO B 296 10.48 2.50 -13.60
CA PRO B 296 9.31 1.78 -13.09
C PRO B 296 9.75 0.35 -12.71
N LEU B 297 9.36 -0.09 -11.52
CA LEU B 297 9.72 -1.42 -11.05
C LEU B 297 9.23 -2.43 -12.08
N ASP B 298 10.14 -3.30 -12.52
CA ASP B 298 9.82 -4.35 -13.49
C ASP B 298 9.55 -5.62 -12.69
N PHE B 299 8.28 -5.92 -12.41
CA PHE B 299 7.96 -7.10 -11.61
C PHE B 299 8.33 -8.41 -12.25
N CYS B 300 8.69 -8.36 -13.52
CA CYS B 300 9.05 -9.59 -14.22
C CYS B 300 10.51 -9.94 -13.93
N LYS B 301 11.36 -8.92 -13.87
CA LYS B 301 12.79 -9.09 -13.61
C LYS B 301 13.16 -9.00 -12.12
N LEU B 302 12.45 -9.72 -11.27
CA LEU B 302 12.69 -9.71 -9.81
C LEU B 302 13.17 -11.05 -9.27
N SER B 303 13.61 -11.04 -8.02
CA SER B 303 14.04 -12.26 -7.34
C SER B 303 12.83 -12.65 -6.49
N ALA B 304 12.57 -13.94 -6.32
CA ALA B 304 11.43 -14.37 -5.52
C ALA B 304 11.48 -13.58 -4.22
N LEU B 305 10.33 -13.19 -3.68
CA LEU B 305 10.30 -12.42 -2.44
C LEU B 305 10.07 -13.30 -1.19
N THR B 306 11.03 -13.25 -0.27
CA THR B 306 10.97 -14.02 0.98
C THR B 306 11.08 -13.13 2.20
N PHE B 307 10.56 -13.64 3.32
CA PHE B 307 10.57 -12.95 4.60
C PHE B 307 10.88 -13.95 5.70
N ALA B 308 11.40 -13.44 6.81
CA ALA B 308 11.73 -14.27 7.95
C ALA B 308 11.89 -13.41 9.21
N ALA B 309 11.72 -14.05 10.36
CA ALA B 309 11.85 -13.37 11.63
C ALA B 309 13.33 -13.09 11.89
N PRO B 310 13.64 -12.00 12.60
CA PRO B 310 15.08 -11.83 12.81
C PRO B 310 15.50 -12.69 14.01
N ASP B 311 16.70 -13.27 13.95
CA ASP B 311 17.25 -14.10 15.04
C ASP B 311 18.12 -13.17 15.86
N TYR B 312 17.75 -12.92 17.11
CA TYR B 312 18.48 -12.01 17.97
C TYR B 312 19.86 -12.51 18.41
N ASP B 313 20.13 -13.79 18.18
CA ASP B 313 21.43 -14.34 18.50
C ASP B 313 22.33 -13.96 17.33
N ARG B 314 21.72 -13.66 16.19
CA ARG B 314 22.45 -13.26 15.00
C ARG B 314 22.60 -11.72 14.92
N TYR B 315 21.60 -10.99 15.42
CA TYR B 315 21.65 -9.52 15.39
C TYR B 315 21.36 -8.95 16.78
N PRO B 316 22.36 -8.99 17.68
CA PRO B 316 22.21 -8.48 19.06
C PRO B 316 21.99 -6.97 19.11
N CYS B 317 22.56 -6.25 18.15
CA CYS B 317 22.42 -4.79 18.09
C CYS B 317 20.96 -4.39 17.89
N LEU B 318 20.19 -5.28 17.28
CA LEU B 318 18.76 -5.04 17.04
C LEU B 318 18.04 -5.16 18.39
N LYS B 319 18.32 -6.23 19.14
CA LYS B 319 17.68 -6.45 20.45
C LYS B 319 18.12 -5.30 21.38
N LEU B 320 19.41 -4.99 21.37
CA LEU B 320 19.94 -3.92 22.21
C LEU B 320 19.15 -2.61 22.01
N ALA B 321 19.03 -2.23 20.74
CA ALA B 321 18.32 -1.02 20.35
C ALA B 321 16.85 -1.06 20.79
N MET B 322 16.23 -2.24 20.73
CA MET B 322 14.82 -2.39 21.14
C MET B 322 14.70 -2.23 22.66
N GLU B 323 15.70 -2.72 23.39
CA GLU B 323 15.77 -2.62 24.84
C GLU B 323 16.14 -1.18 25.22
N ALA B 324 17.08 -0.61 24.47
CA ALA B 324 17.55 0.76 24.69
C ALA B 324 16.43 1.78 24.54
N PHE B 325 15.41 1.48 23.74
CA PHE B 325 14.31 2.42 23.57
C PHE B 325 13.53 2.49 24.87
N GLU B 326 13.35 1.32 25.49
CA GLU B 326 12.62 1.21 26.74
C GLU B 326 13.34 1.93 27.86
N GLN B 327 14.67 1.92 27.80
CA GLN B 327 15.53 2.57 28.79
C GLN B 327 15.63 4.11 28.71
N GLY B 328 15.18 4.71 27.61
CA GLY B 328 15.23 6.16 27.52
C GLY B 328 16.17 6.73 26.47
N GLN B 329 15.88 7.97 26.05
CA GLN B 329 16.67 8.67 25.03
C GLN B 329 18.11 8.84 25.42
N ALA B 330 18.42 8.61 26.69
CA ALA B 330 19.78 8.75 27.16
C ALA B 330 20.51 7.48 26.69
N ALA B 331 19.79 6.37 26.71
CA ALA B 331 20.34 5.10 26.30
C ALA B 331 20.46 4.96 24.78
N THR B 332 19.50 5.51 24.03
CA THR B 332 19.57 5.42 22.57
C THR B 332 20.63 6.37 21.98
N THR B 333 20.88 7.47 22.68
CA THR B 333 21.87 8.45 22.24
C THR B 333 23.27 7.91 22.49
N ALA B 334 23.36 7.02 23.47
CA ALA B 334 24.63 6.39 23.84
C ALA B 334 24.87 5.22 22.92
N LEU B 335 23.80 4.56 22.52
CA LEU B 335 23.91 3.41 21.63
C LEU B 335 24.43 3.89 20.29
N ASN B 336 23.85 4.98 19.80
CA ASN B 336 24.25 5.53 18.52
C ASN B 336 25.69 6.00 18.61
N ALA B 337 26.03 6.60 19.74
CA ALA B 337 27.36 7.11 19.98
C ALA B 337 28.38 5.99 19.96
N ALA B 338 28.23 5.06 20.91
CA ALA B 338 29.13 3.91 21.06
C ALA B 338 29.31 3.07 19.81
N ASN B 339 28.26 2.95 19.02
CA ASN B 339 28.31 2.15 17.80
C ASN B 339 29.15 2.80 16.71
N GLU B 340 29.25 4.13 16.70
CA GLU B 340 30.06 4.78 15.68
C GLU B 340 31.52 4.49 15.97
N ILE B 341 31.83 4.39 17.27
CA ILE B 341 33.19 4.12 17.73
C ILE B 341 33.58 2.66 17.45
N THR B 342 32.72 1.71 17.83
CA THR B 342 33.00 0.27 17.61
C THR B 342 33.03 -0.12 16.12
N VAL B 343 32.06 0.36 15.36
CA VAL B 343 32.02 0.02 13.94
C VAL B 343 33.35 0.46 13.33
N ALA B 344 33.73 1.69 13.62
CA ALA B 344 34.98 2.25 13.10
C ALA B 344 36.19 1.48 13.60
N ALA B 345 36.10 0.95 14.83
CA ALA B 345 37.19 0.17 15.42
C ALA B 345 37.30 -1.12 14.64
N PHE B 346 36.15 -1.76 14.42
CA PHE B 346 36.06 -2.99 13.67
C PHE B 346 36.64 -2.76 12.26
N LEU B 347 36.28 -1.61 11.68
CA LEU B 347 36.73 -1.20 10.36
C LEU B 347 38.24 -0.96 10.24
N ALA B 348 38.88 -0.57 11.34
CA ALA B 348 40.33 -0.31 11.33
C ALA B 348 41.12 -1.57 11.71
N GLN B 349 40.42 -2.56 12.26
CA GLN B 349 41.01 -3.83 12.65
C GLN B 349 41.59 -3.79 14.05
N GLN B 350 40.83 -3.26 14.99
CA GLN B 350 41.27 -3.17 16.39
C GLN B 350 40.40 -4.11 17.20
N ILE B 351 39.34 -4.55 16.55
CA ILE B 351 38.39 -5.47 17.17
C ILE B 351 37.73 -6.37 16.12
N ARG B 352 37.15 -7.48 16.60
CA ARG B 352 36.48 -8.45 15.74
C ARG B 352 35.07 -7.98 15.39
N PHE B 353 34.51 -8.49 14.28
CA PHE B 353 33.15 -8.09 13.87
C PHE B 353 32.13 -8.29 14.98
N THR B 354 32.30 -9.37 15.70
CA THR B 354 31.40 -9.70 16.79
C THR B 354 31.55 -8.77 18.01
N ASP B 355 32.64 -8.01 18.04
CA ASP B 355 32.91 -7.10 19.15
C ASP B 355 32.11 -5.80 19.09
N ILE B 356 31.58 -5.48 17.91
CA ILE B 356 30.78 -4.28 17.78
C ILE B 356 29.57 -4.45 18.69
N ALA B 357 28.91 -5.60 18.57
CA ALA B 357 27.72 -5.86 19.36
C ALA B 357 28.03 -5.92 20.85
N ALA B 358 29.08 -6.65 21.21
CA ALA B 358 29.47 -6.82 22.61
C ALA B 358 29.92 -5.51 23.29
N LEU B 359 30.69 -4.70 22.59
CA LEU B 359 31.18 -3.43 23.15
C LEU B 359 30.08 -2.40 23.20
N ASN B 360 29.06 -2.57 22.37
CA ASN B 360 27.95 -1.63 22.38
C ASN B 360 27.15 -1.97 23.63
N LEU B 361 27.01 -3.26 23.89
CA LEU B 361 26.28 -3.72 25.07
C LEU B 361 26.98 -3.18 26.31
N SER B 362 28.30 -3.30 26.33
CA SER B 362 29.11 -2.83 27.45
C SER B 362 28.96 -1.34 27.69
N VAL B 363 29.29 -0.52 26.71
CA VAL B 363 29.14 0.91 26.89
C VAL B 363 27.82 1.23 27.58
N LEU B 364 26.74 0.60 27.13
CA LEU B 364 25.42 0.88 27.72
C LEU B 364 25.30 0.37 29.15
N GLU B 365 25.94 -0.78 29.42
CA GLU B 365 25.94 -1.40 30.76
C GLU B 365 26.76 -0.58 31.73
N LYS B 366 28.01 -0.35 31.36
CA LYS B 366 28.94 0.43 32.17
C LYS B 366 28.66 1.92 31.93
N MET B 367 27.44 2.35 32.28
CA MET B 367 27.02 3.74 32.10
C MET B 367 25.59 4.00 32.60
N ASP B 368 25.47 4.64 33.76
CA ASP B 368 24.15 4.98 34.32
C ASP B 368 24.00 6.45 33.93
N MET B 369 22.77 6.94 33.88
CA MET B 369 22.54 8.31 33.47
C MET B 369 21.09 8.75 33.56
N ARG B 370 20.86 10.01 33.29
CA ARG B 370 19.53 10.57 33.34
C ARG B 370 19.10 11.02 31.97
N GLU B 371 17.81 10.91 31.72
CA GLU B 371 17.21 11.31 30.46
C GLU B 371 17.63 12.72 30.09
N PRO B 372 17.80 13.01 28.78
CA PRO B 372 18.20 14.35 28.33
C PRO B 372 17.06 15.33 28.59
N GLN B 373 17.11 16.51 27.98
CA GLN B 373 16.07 17.50 28.17
C GLN B 373 16.23 18.68 27.20
N CYS B 374 17.28 18.63 26.38
CA CYS B 374 17.57 19.65 25.36
C CYS B 374 18.67 19.11 24.43
N VAL B 375 18.91 19.76 23.30
CA VAL B 375 19.93 19.28 22.38
C VAL B 375 21.29 19.10 23.08
N ASP B 376 21.55 19.93 24.09
CA ASP B 376 22.81 19.85 24.81
C ASP B 376 22.96 18.61 25.68
N ASP B 377 21.94 18.30 26.48
CA ASP B 377 22.00 17.11 27.33
C ASP B 377 22.37 15.90 26.48
N VAL B 378 21.82 15.86 25.27
CA VAL B 378 22.05 14.79 24.33
C VAL B 378 23.50 14.77 23.84
N LEU B 379 24.03 15.93 23.46
CA LEU B 379 25.41 16.04 22.99
C LEU B 379 26.37 15.54 24.06
N SER B 380 26.00 15.82 25.31
CA SER B 380 26.79 15.41 26.46
C SER B 380 26.82 13.88 26.64
N VAL B 381 25.64 13.24 26.57
CA VAL B 381 25.53 11.79 26.71
C VAL B 381 26.28 11.14 25.54
N ASP B 382 26.20 11.80 24.40
CA ASP B 382 26.86 11.32 23.22
C ASP B 382 28.36 11.28 23.47
N ALA B 383 28.91 12.43 23.85
CA ALA B 383 30.34 12.54 24.12
C ALA B 383 30.81 11.63 25.27
N ASN B 384 29.91 11.34 26.20
CA ASN B 384 30.20 10.49 27.35
C ASN B 384 30.34 9.04 26.93
N ALA B 385 29.43 8.59 26.07
CA ALA B 385 29.44 7.22 25.61
C ALA B 385 30.61 7.00 24.65
N ARG B 386 30.91 8.02 23.84
CA ARG B 386 32.02 7.91 22.90
C ARG B 386 33.30 7.66 23.68
N GLU B 387 33.35 8.21 24.89
CA GLU B 387 34.52 8.05 25.72
C GLU B 387 34.54 6.69 26.38
N VAL B 388 33.38 6.18 26.77
CA VAL B 388 33.33 4.86 27.41
C VAL B 388 33.63 3.77 26.36
N ALA B 389 33.34 4.08 25.09
CA ALA B 389 33.55 3.16 23.98
C ALA B 389 34.97 3.27 23.46
N ARG B 390 35.46 4.50 23.30
CA ARG B 390 36.80 4.73 22.80
C ARG B 390 37.77 4.02 23.74
N LYS B 391 37.40 3.96 25.02
CA LYS B 391 38.21 3.33 26.04
C LYS B 391 38.00 1.81 26.03
N GLU B 392 36.77 1.38 25.80
CA GLU B 392 36.48 -0.05 25.75
C GLU B 392 37.19 -0.73 24.58
N VAL B 393 37.36 -0.01 23.48
CA VAL B 393 38.04 -0.57 22.31
C VAL B 393 39.47 -0.89 22.69
N MET B 394 40.07 0.02 23.47
CA MET B 394 41.45 -0.13 23.93
C MET B 394 41.67 -1.37 24.79
N ARG B 395 40.67 -1.70 25.61
CA ARG B 395 40.77 -2.87 26.46
C ARG B 395 40.80 -4.16 25.61
N LEU B 396 40.87 -4.02 24.29
CA LEU B 396 40.91 -5.17 23.40
C LEU B 396 42.08 -5.20 22.42
N ALA B 397 42.73 -4.05 22.23
CA ALA B 397 43.87 -3.96 21.30
C ALA B 397 45.23 -4.12 21.99
#